data_3POY
#
_entry.id   3POY
#
_cell.length_a   199.740
_cell.length_b   61.240
_cell.length_c   155.580
_cell.angle_alpha   90.00
_cell.angle_beta   121.21
_cell.angle_gamma   90.00
#
_symmetry.space_group_name_H-M   'C 1 2 1'
#
loop_
_entity.id
_entity.type
_entity.pdbx_description
1 polymer Neurexin-1-alpha
2 branched beta-D-mannopyranose-(1-4)-2-acetamido-2-deoxy-beta-D-glucopyranose-(1-4)-2-acetamido-2-deoxy-beta-D-glucopyranose
3 non-polymer beta-D-glucopyranose
4 water water
#
_entity_poly.entity_id   1
_entity_poly.type   'polypeptide(L)'
_entity_poly.pdbx_seq_one_letter_code
;LAAAEEYIATFKGSEYFCYDLSQNPIQSSSDEITLSFKTLQRNGLMLHTGKSADYVNLALKNGAVSLVINLGSGAFEALV
EPVNGKFNDNAWHDVKVTRNLRQVTISVDGILTTTGYTQEDYTMLGSDDFFYVGGSPSTADLPGSPVSNNFMGCLKEVVY
KNNDVRLELSRLAKQGDPKMKIHGVVAFKCENVATLDPITFETPESFISLPKWNAKKTGSISFDFRTTEPNGLILFSHGK
PRHQKDAKHPQMIKVDFFAIEMLDGHLYLLLDMGSGTIKIKALQKKVNDGEWYHVDFQRDGRSGTISVNTLRTPYTAPGE
SEILDLDDELYLGGLPENKAGLVFPTEVWTALLNYGYVGCIRDLFIDGQSKDIRQMAEVQSTAGVKPSCSRETAKPCLSN
PCKNNGMCRDGWNRYVCDCSGTGYLGRSCEREATVLSYDGSMFMKIQLPVVMHTEAEDVSLRFRSQRAYGILMATTSRDS
ADTLRLELDAGRVKLTVNLDCIRINCNSSKGPETLFAGYNLNDNEWHTVRVVRRGKSLKLTVDDQQAMTGQMAGDHTRLE
FHNIETGIITERRYLSSVPSNFIGHLQSLTFNGMAYIDLCKNGDIDYCELNARFGFRNIIADPVTFKTKSSYVALATLQA
YTSMHLFFQFKTTSLDGLILYNSGDGNDFIVVELVKGYLHYVFDLGNGANLIKGSSNKPLNDNQWHNVMISRDTSNLHTV
KIDTKITTQITAGARNLDLKSDLYIGGVAKETYKSLPKLVHAKEGFQGCLASVDLNGRLPDLISDALFCNGQIERGCEGP
STTCQEDSCSNQGVCLQQWDGFSCDCSMTSFSGPLCNDPGTTYIFSKGGGQITYKWPPNDRPSTRADRLAIGFSTVQKEA
VLVRVDSSSGLGDYLELHIHQGKIGVKFNVGTDDIAIEESNAIINDGKYHVVRFTRSGGNATLQVDSWPVIERYPAGRQL
TIFNSQATIIIGGKEQGQPFQGQLSGLYYNGLKVLNMAAENDANIAIVGNVRLLEVLFQ
;
_entity_poly.pdbx_strand_id   A
#
loop_
_chem_comp.id
_chem_comp.type
_chem_comp.name
_chem_comp.formula
BGC D-saccharide, beta linking beta-D-glucopyranose 'C6 H12 O6'
BMA D-saccharide, beta linking beta-D-mannopyranose 'C6 H12 O6'
NAG D-saccharide, beta linking 2-acetamido-2-deoxy-beta-D-glucopyranose 'C8 H15 N O6'
#
# COMPACT_ATOMS: atom_id res chain seq x y z
N ALA A 3 62.05 -19.89 -12.36
CA ALA A 3 63.48 -20.09 -11.98
C ALA A 3 64.36 -18.84 -12.24
N ALA A 4 63.79 -17.78 -12.84
CA ALA A 4 64.58 -16.78 -13.60
C ALA A 4 65.08 -15.57 -12.77
N GLU A 5 65.93 -14.75 -13.41
CA GLU A 5 66.60 -13.53 -12.83
C GLU A 5 65.85 -12.80 -11.71
N GLU A 6 64.72 -12.16 -12.05
CA GLU A 6 63.89 -11.47 -11.06
C GLU A 6 62.52 -12.14 -10.94
N TYR A 7 61.99 -12.14 -9.71
CA TYR A 7 60.78 -12.93 -9.35
C TYR A 7 59.49 -12.11 -9.10
N ILE A 8 58.63 -12.08 -10.11
CA ILE A 8 57.44 -11.23 -10.11
C ILE A 8 56.18 -12.10 -10.06
N ALA A 9 55.05 -11.51 -9.66
CA ALA A 9 53.77 -12.19 -9.65
C ALA A 9 52.61 -11.20 -9.84
N THR A 10 51.55 -11.62 -10.55
CA THR A 10 50.37 -10.78 -10.81
C THR A 10 49.10 -11.16 -10.00
N PHE A 11 48.62 -10.25 -9.17
CA PHE A 11 47.42 -10.47 -8.33
C PHE A 11 46.20 -9.74 -8.88
N LYS A 12 45.04 -10.40 -8.80
CA LYS A 12 43.79 -9.89 -9.35
C LYS A 12 42.65 -9.91 -8.34
N GLY A 13 42.97 -10.09 -7.06
CA GLY A 13 41.97 -10.04 -5.97
C GLY A 13 41.36 -11.36 -5.50
N SER A 14 41.60 -12.43 -6.23
CA SER A 14 41.15 -13.76 -5.84
C SER A 14 42.31 -14.72 -5.55
N GLU A 15 43.55 -14.22 -5.64
CA GLU A 15 44.72 -15.07 -5.53
C GLU A 15 45.61 -14.61 -4.37
N TYR A 16 46.28 -15.55 -3.71
CA TYR A 16 47.24 -15.22 -2.64
C TYR A 16 48.27 -16.32 -2.38
N PHE A 17 49.40 -15.95 -1.75
CA PHE A 17 50.39 -16.94 -1.26
C PHE A 17 50.17 -17.23 0.21
N CYS A 18 50.76 -18.32 0.69
CA CYS A 18 50.48 -18.79 2.05
C CYS A 18 51.55 -19.77 2.51
N TYR A 19 52.55 -19.23 3.23
CA TYR A 19 53.75 -19.97 3.61
C TYR A 19 53.71 -20.44 5.08
N ASP A 20 54.00 -21.72 5.30
CA ASP A 20 53.79 -22.35 6.61
C ASP A 20 54.98 -22.19 7.53
N LEU A 21 54.90 -21.25 8.47
CA LEU A 21 55.97 -21.04 9.45
C LEU A 21 56.00 -22.05 10.58
N SER A 22 55.05 -23.00 10.63
CA SER A 22 54.89 -23.82 11.83
C SER A 22 56.09 -24.70 12.13
N GLN A 23 56.83 -25.09 11.10
CA GLN A 23 58.05 -25.87 11.29
C GLN A 23 59.16 -24.97 11.80
N ASN A 24 59.41 -23.87 11.09
CA ASN A 24 60.46 -22.91 11.43
C ASN A 24 59.92 -21.54 11.81
N PRO A 25 59.46 -21.38 13.06
CA PRO A 25 58.88 -20.09 13.44
C PRO A 25 59.79 -18.90 13.14
N ILE A 26 59.19 -17.78 12.81
CA ILE A 26 59.91 -16.51 12.81
C ILE A 26 60.19 -16.20 14.29
N GLN A 27 61.45 -15.88 14.57
CA GLN A 27 61.86 -15.37 15.90
C GLN A 27 62.86 -14.25 15.62
N SER A 28 62.39 -13.00 15.64
CA SER A 28 63.20 -11.89 15.19
C SER A 28 63.30 -10.83 16.27
N SER A 29 64.51 -10.57 16.74
CA SER A 29 64.78 -9.39 17.56
C SER A 29 65.17 -8.23 16.64
N SER A 30 65.47 -8.55 15.38
CA SER A 30 65.67 -7.55 14.34
C SER A 30 65.43 -8.18 12.98
N ASP A 31 64.65 -7.51 12.13
CA ASP A 31 64.28 -8.04 10.81
C ASP A 31 64.28 -6.95 9.77
N GLU A 32 64.13 -7.37 8.51
CA GLU A 32 64.03 -6.46 7.37
C GLU A 32 63.06 -7.02 6.33
N ILE A 33 62.22 -6.14 5.78
CA ILE A 33 61.22 -6.52 4.78
C ILE A 33 61.42 -5.66 3.55
N THR A 34 61.38 -6.26 2.36
CA THR A 34 61.54 -5.48 1.12
C THR A 34 60.63 -6.02 0.01
N LEU A 35 59.99 -5.10 -0.71
CA LEU A 35 59.19 -5.46 -1.87
C LEU A 35 58.91 -4.24 -2.74
N SER A 36 58.70 -4.46 -4.03
CA SER A 36 58.15 -3.43 -4.91
C SER A 36 56.73 -3.83 -5.28
N PHE A 37 55.82 -2.84 -5.29
CA PHE A 37 54.44 -3.05 -5.73
C PHE A 37 54.10 -2.15 -6.90
N LYS A 38 53.00 -2.51 -7.58
CA LYS A 38 52.48 -1.75 -8.73
C LYS A 38 50.97 -1.93 -8.67
N THR A 39 50.18 -0.85 -8.69
CA THR A 39 48.74 -1.00 -8.57
C THR A 39 47.97 0.29 -8.79
N LEU A 40 46.69 0.15 -9.18
CA LEU A 40 45.76 1.28 -9.31
C LEU A 40 44.78 1.44 -8.14
N GLN A 41 44.82 0.51 -7.19
CA GLN A 41 43.79 0.41 -6.16
C GLN A 41 44.10 1.21 -4.90
N ARG A 42 43.11 1.93 -4.40
CA ARG A 42 43.25 2.70 -3.14
C ARG A 42 43.47 1.75 -1.94
N ASN A 43 42.89 0.56 -2.01
CA ASN A 43 42.97 -0.42 -0.92
C ASN A 43 43.38 -1.84 -1.37
N GLY A 44 44.30 -2.46 -0.62
CA GLY A 44 44.76 -3.83 -0.89
C GLY A 44 45.86 -4.34 0.05
N LEU A 45 45.75 -5.57 0.51
CA LEU A 45 46.72 -6.16 1.44
C LEU A 45 47.93 -6.70 0.70
N MET A 46 49.12 -6.20 1.00
CA MET A 46 50.34 -6.73 0.40
C MET A 46 50.80 -7.95 1.19
N LEU A 47 51.16 -7.76 2.46
CA LEU A 47 51.52 -8.91 3.31
C LEU A 47 51.03 -8.80 4.77
N HIS A 48 51.08 -9.95 5.44
CA HIS A 48 50.65 -10.09 6.83
C HIS A 48 51.21 -11.36 7.45
N THR A 49 51.50 -11.31 8.76
CA THR A 49 51.85 -12.52 9.52
C THR A 49 51.63 -12.33 11.00
N GLY A 50 50.94 -13.29 11.64
CA GLY A 50 50.76 -13.30 13.08
C GLY A 50 49.32 -13.46 13.49
N LYS A 51 49.07 -14.40 14.42
CA LYS A 51 47.85 -14.41 15.24
C LYS A 51 48.26 -13.72 16.56
N SER A 52 47.38 -13.77 17.58
CA SER A 52 47.76 -13.37 18.95
C SER A 52 47.98 -11.84 18.99
N ALA A 53 48.82 -11.34 19.91
CA ALA A 53 49.26 -9.93 19.86
C ALA A 53 50.71 -9.77 19.28
N ASP A 54 51.10 -10.65 18.36
CA ASP A 54 52.37 -10.54 17.62
C ASP A 54 52.13 -10.63 16.12
N TYR A 55 52.33 -9.53 15.41
CA TYR A 55 52.01 -9.48 13.99
C TYR A 55 52.65 -8.31 13.24
N VAL A 56 52.86 -8.51 11.93
CA VAL A 56 53.23 -7.46 10.98
C VAL A 56 52.21 -7.44 9.84
N ASN A 57 51.66 -6.28 9.53
CA ASN A 57 50.66 -6.12 8.49
C ASN A 57 51.07 -4.89 7.67
N LEU A 58 51.23 -5.09 6.36
CA LEU A 58 51.65 -4.02 5.45
C LEU A 58 50.62 -3.94 4.35
N ALA A 59 50.07 -2.75 4.10
CA ALA A 59 49.02 -2.63 3.10
C ALA A 59 48.95 -1.23 2.48
N LEU A 60 48.26 -1.14 1.34
CA LEU A 60 47.93 0.15 0.76
C LEU A 60 46.52 0.55 1.17
N LYS A 61 46.41 1.67 1.86
CA LYS A 61 45.18 2.10 2.54
C LYS A 61 44.85 3.53 2.10
N ASN A 62 43.85 3.65 1.23
CA ASN A 62 43.46 4.93 0.63
C ASN A 62 44.63 5.65 -0.03
N GLY A 63 45.36 4.92 -0.86
CA GLY A 63 46.45 5.50 -1.63
C GLY A 63 47.79 5.66 -0.92
N ALA A 64 47.85 5.36 0.38
CA ALA A 64 49.09 5.45 1.18
C ALA A 64 49.49 4.07 1.69
N VAL A 65 50.74 3.96 2.16
CA VAL A 65 51.28 2.71 2.70
C VAL A 65 51.09 2.60 4.20
N SER A 66 50.44 1.52 4.66
CA SER A 66 50.03 1.35 6.10
C SER A 66 50.72 0.19 6.83
N LEU A 67 51.55 0.56 7.81
CA LEU A 67 52.34 -0.38 8.60
C LEU A 67 51.83 -0.54 10.04
N VAL A 68 51.50 -1.77 10.43
CA VAL A 68 51.31 -2.08 11.86
C VAL A 68 52.24 -3.23 12.26
N ILE A 69 53.07 -3.01 13.28
CA ILE A 69 53.81 -4.09 13.96
C ILE A 69 53.32 -4.14 15.40
N ASN A 70 53.38 -5.32 16.00
CA ASN A 70 53.14 -5.47 17.42
C ASN A 70 54.02 -6.60 17.87
N LEU A 71 54.93 -6.33 18.81
CA LEU A 71 55.85 -7.36 19.30
C LEU A 71 55.31 -8.05 20.56
N GLY A 72 54.11 -7.65 20.99
CA GLY A 72 53.40 -8.34 22.07
C GLY A 72 52.91 -7.42 23.17
N SER A 73 53.55 -6.27 23.33
CA SER A 73 53.13 -5.31 24.37
C SER A 73 52.76 -3.93 23.80
N GLY A 74 52.19 -3.90 22.61
CA GLY A 74 51.64 -2.67 22.04
C GLY A 74 52.11 -2.39 20.62
N ALA A 75 51.18 -1.98 19.75
CA ALA A 75 51.44 -1.85 18.32
C ALA A 75 52.04 -0.50 17.96
N PHE A 76 52.90 -0.52 16.93
CA PHE A 76 53.36 0.69 16.26
C PHE A 76 52.58 0.79 14.96
N GLU A 77 52.22 2.02 14.58
CA GLU A 77 51.41 2.26 13.39
C GLU A 77 51.97 3.38 12.52
N ALA A 78 52.45 3.04 11.32
CA ALA A 78 52.99 4.05 10.39
C ALA A 78 52.14 4.22 9.14
N LEU A 79 52.31 5.36 8.48
CA LEU A 79 51.51 5.72 7.32
C LEU A 79 52.34 6.66 6.47
N VAL A 80 52.75 6.20 5.30
CA VAL A 80 53.51 7.00 4.37
C VAL A 80 52.57 7.48 3.27
N GLU A 81 52.56 8.79 3.03
CA GLU A 81 51.73 9.37 1.98
C GLU A 81 52.65 9.77 0.83
N PRO A 82 52.14 9.75 -0.42
CA PRO A 82 52.91 10.34 -1.53
C PRO A 82 52.99 11.84 -1.37
N VAL A 83 54.05 12.48 -1.86
CA VAL A 83 54.22 13.93 -1.68
C VAL A 83 53.87 14.74 -2.93
N ASN A 84 54.15 14.21 -4.13
CA ASN A 84 53.78 14.91 -5.39
C ASN A 84 53.40 13.93 -6.50
N GLY A 85 52.30 13.22 -6.27
CA GLY A 85 51.83 12.19 -7.18
C GLY A 85 50.97 11.21 -6.39
N LYS A 86 50.87 9.97 -6.86
CA LYS A 86 50.04 8.94 -6.20
C LYS A 86 50.76 7.59 -6.22
N PHE A 87 50.63 6.79 -5.16
CA PHE A 87 51.24 5.43 -5.17
C PHE A 87 50.53 4.48 -6.14
N ASN A 88 49.21 4.68 -6.26
CA ASN A 88 48.41 3.90 -7.18
C ASN A 88 48.40 4.48 -8.62
N ASP A 89 49.58 4.89 -9.10
CA ASP A 89 49.70 5.45 -10.46
C ASP A 89 50.15 4.40 -11.50
N ASN A 90 50.06 3.13 -11.12
CA ASN A 90 50.49 2.01 -11.94
C ASN A 90 51.96 2.10 -12.38
N ALA A 91 52.79 2.54 -11.43
CA ALA A 91 54.24 2.47 -11.52
C ALA A 91 54.74 1.56 -10.39
N TRP A 92 55.99 1.14 -10.46
CA TRP A 92 56.60 0.40 -9.38
C TRP A 92 56.89 1.34 -8.24
N HIS A 93 56.93 0.81 -7.03
CA HIS A 93 57.35 1.58 -5.87
C HIS A 93 58.04 0.64 -4.89
N ASP A 94 59.20 1.04 -4.40
CA ASP A 94 59.99 0.23 -3.46
C ASP A 94 59.54 0.51 -2.02
N VAL A 95 59.26 -0.55 -1.27
CA VAL A 95 59.08 -0.45 0.18
C VAL A 95 60.30 -1.09 0.84
N LYS A 96 60.70 -0.55 1.98
CA LYS A 96 61.71 -1.19 2.80
C LYS A 96 61.42 -0.92 4.28
N VAL A 97 61.09 -1.97 5.03
CA VAL A 97 60.96 -1.88 6.48
C VAL A 97 62.22 -2.43 7.15
N THR A 98 62.72 -1.70 8.15
CA THR A 98 63.86 -2.14 8.95
C THR A 98 63.48 -1.98 10.40
N ARG A 99 63.62 -3.04 11.20
CA ARG A 99 63.28 -2.99 12.62
C ARG A 99 64.41 -3.51 13.46
N ASN A 100 64.78 -2.72 14.46
CA ASN A 100 65.92 -3.02 15.31
C ASN A 100 65.48 -2.91 16.77
N LEU A 101 65.25 -4.08 17.37
CA LEU A 101 64.57 -4.20 18.66
C LEU A 101 63.16 -3.60 18.60
N ARG A 102 62.98 -2.39 19.12
CA ARG A 102 61.67 -1.77 19.11
C ARG A 102 61.56 -0.66 18.08
N GLN A 103 62.70 -0.21 17.52
CA GLN A 103 62.77 0.95 16.63
C GLN A 103 62.48 0.61 15.17
N VAL A 104 61.26 0.90 14.72
CA VAL A 104 60.82 0.66 13.33
C VAL A 104 61.12 1.84 12.38
N THR A 105 61.44 1.52 11.13
CA THR A 105 61.72 2.52 10.10
C THR A 105 61.22 1.99 8.75
N ILE A 106 60.33 2.75 8.11
CA ILE A 106 59.75 2.39 6.82
C ILE A 106 60.12 3.42 5.76
N SER A 107 60.26 2.99 4.50
CA SER A 107 60.79 3.84 3.43
C SER A 107 60.15 3.49 2.09
N VAL A 108 59.36 4.40 1.53
CA VAL A 108 58.86 4.24 0.14
C VAL A 108 59.75 5.02 -0.85
N ASP A 109 60.17 4.35 -1.93
CA ASP A 109 60.97 5.00 -3.01
C ASP A 109 62.25 5.69 -2.52
N GLY A 110 62.79 5.26 -1.38
CA GLY A 110 64.05 5.79 -0.87
C GLY A 110 63.96 7.11 -0.13
N ILE A 111 63.01 7.95 -0.55
CA ILE A 111 62.87 9.30 0.00
C ILE A 111 61.83 9.36 1.12
N LEU A 112 60.66 8.79 0.88
CA LEU A 112 59.52 8.99 1.77
C LEU A 112 59.62 8.01 2.95
N THR A 113 59.73 8.56 4.16
CA THR A 113 60.17 7.81 5.33
C THR A 113 59.54 8.34 6.62
N THR A 114 59.34 7.43 7.58
CA THR A 114 59.04 7.77 8.99
C THR A 114 59.68 6.73 9.94
N THR A 115 59.83 7.10 11.21
CA THR A 115 60.43 6.20 12.19
C THR A 115 59.66 6.27 13.50
N GLY A 116 59.66 5.18 14.25
CA GLY A 116 58.98 5.16 15.54
C GLY A 116 59.29 3.93 16.37
N TYR A 117 58.48 3.72 17.42
CA TYR A 117 58.75 2.70 18.44
C TYR A 117 57.49 1.93 18.85
N THR A 118 57.66 0.66 19.21
CA THR A 118 56.57 -0.16 19.74
C THR A 118 56.57 -0.16 21.28
N GLN A 119 55.42 -0.43 21.90
CA GLN A 119 55.16 -0.02 23.29
C GLN A 119 55.53 -1.01 24.43
N GLU A 120 55.42 -0.57 25.69
CA GLU A 120 56.08 -1.21 26.86
C GLU A 120 57.54 -1.59 26.56
N ASP A 121 57.90 -2.88 26.63
CA ASP A 121 59.30 -3.32 26.54
C ASP A 121 59.54 -4.70 25.94
N TYR A 122 58.61 -5.21 25.14
CA TYR A 122 58.82 -6.47 24.39
C TYR A 122 59.63 -6.15 23.10
N THR A 123 60.54 -7.07 22.70
CA THR A 123 61.50 -6.79 21.60
C THR A 123 61.59 -7.84 20.47
N MET A 124 60.73 -8.85 20.49
CA MET A 124 60.80 -9.94 19.51
C MET A 124 59.46 -10.26 18.88
N LEU A 125 59.49 -10.36 17.55
CA LEU A 125 58.37 -10.85 16.75
C LEU A 125 58.36 -12.40 16.69
N GLY A 126 57.20 -12.98 17.02
CA GLY A 126 57.03 -14.42 17.13
C GLY A 126 55.81 -14.89 16.36
N SER A 127 56.05 -15.64 15.29
CA SER A 127 54.99 -16.05 14.40
C SER A 127 55.19 -17.49 14.02
N ASP A 128 54.32 -18.37 14.50
CA ASP A 128 54.41 -19.80 14.18
C ASP A 128 53.28 -20.22 13.26
N ASP A 129 52.60 -19.24 12.68
CA ASP A 129 51.43 -19.55 11.85
C ASP A 129 51.74 -19.49 10.35
N PHE A 130 51.09 -18.59 9.61
CA PHE A 130 51.28 -18.52 8.18
C PHE A 130 51.85 -17.16 7.81
N PHE A 131 52.57 -17.10 6.70
CA PHE A 131 52.95 -15.86 6.08
C PHE A 131 52.08 -15.74 4.83
N TYR A 132 51.33 -14.64 4.72
CA TYR A 132 50.41 -14.38 3.62
C TYR A 132 50.95 -13.29 2.70
N VAL A 133 51.10 -13.58 1.41
CA VAL A 133 51.41 -12.53 0.43
C VAL A 133 50.28 -12.34 -0.57
N GLY A 134 49.89 -11.09 -0.78
CA GLY A 134 48.95 -10.73 -1.85
C GLY A 134 47.48 -10.79 -1.46
N GLY A 135 47.14 -11.69 -0.54
CA GLY A 135 45.77 -11.79 -0.05
C GLY A 135 45.67 -12.55 1.23
N SER A 136 44.47 -13.05 1.51
CA SER A 136 44.16 -13.74 2.75
C SER A 136 42.82 -14.46 2.62
N PRO A 137 42.59 -15.54 3.40
CA PRO A 137 41.26 -16.17 3.47
C PRO A 137 40.17 -15.22 3.98
N SER A 138 40.56 -14.21 4.76
CA SER A 138 39.64 -13.20 5.26
C SER A 138 40.51 -12.18 6.01
N THR A 139 39.89 -11.29 6.81
CA THR A 139 40.61 -10.34 7.67
C THR A 139 40.11 -10.15 9.12
N ALA A 140 38.79 -10.25 9.33
CA ALA A 140 38.18 -10.20 10.68
C ALA A 140 38.81 -11.16 11.71
N ASP A 141 39.56 -12.16 11.23
CA ASP A 141 40.41 -13.02 12.09
C ASP A 141 41.93 -12.65 12.08
N LEU A 142 42.31 -11.59 11.35
CA LEU A 142 43.71 -11.20 11.24
C LEU A 142 43.93 -9.83 11.86
N PRO A 143 44.60 -9.79 13.04
CA PRO A 143 44.65 -8.59 13.87
C PRO A 143 45.34 -7.38 13.24
N GLY A 144 44.94 -6.20 13.70
CA GLY A 144 45.53 -4.91 13.30
C GLY A 144 45.53 -4.67 11.79
N SER A 145 44.39 -4.95 11.17
CA SER A 145 44.30 -4.99 9.71
C SER A 145 43.27 -3.98 9.22
N PRO A 146 43.73 -2.82 8.70
CA PRO A 146 42.83 -1.71 8.33
C PRO A 146 42.00 -1.99 7.08
N VAL A 147 42.57 -2.72 6.11
CA VAL A 147 41.85 -3.09 4.89
C VAL A 147 41.53 -4.57 4.89
N SER A 148 40.53 -4.95 4.10
CA SER A 148 40.09 -6.34 3.97
C SER A 148 40.25 -6.84 2.56
N ASN A 149 40.71 -5.96 1.68
CA ASN A 149 40.63 -6.20 0.25
C ASN A 149 41.87 -6.93 -0.18
N ASN A 150 41.72 -7.88 -1.11
CA ASN A 150 42.88 -8.57 -1.66
C ASN A 150 43.59 -7.63 -2.61
N PHE A 151 44.84 -7.95 -2.93
CA PHE A 151 45.61 -7.08 -3.80
C PHE A 151 45.18 -7.20 -5.28
N MET A 152 45.38 -6.12 -6.03
CA MET A 152 45.08 -6.07 -7.46
C MET A 152 46.21 -5.33 -8.20
N GLY A 153 47.28 -6.05 -8.49
CA GLY A 153 48.44 -5.46 -9.14
C GLY A 153 49.57 -6.47 -9.23
N CYS A 154 50.80 -5.98 -9.26
CA CYS A 154 51.96 -6.85 -9.32
C CYS A 154 52.81 -6.67 -8.05
N LEU A 155 53.50 -7.73 -7.66
CA LEU A 155 54.44 -7.69 -6.55
C LEU A 155 55.67 -8.50 -6.87
N LYS A 156 56.84 -7.89 -6.67
CA LYS A 156 58.09 -8.58 -6.94
C LYS A 156 59.06 -8.50 -5.74
N GLU A 157 60.04 -9.40 -5.76
CA GLU A 157 61.18 -9.41 -4.84
C GLU A 157 60.81 -9.26 -3.37
N VAL A 158 59.67 -9.82 -3.00
CA VAL A 158 59.19 -9.82 -1.62
C VAL A 158 60.11 -10.71 -0.77
N VAL A 159 60.77 -10.09 0.22
CA VAL A 159 61.72 -10.79 1.10
C VAL A 159 61.44 -10.47 2.57
N TYR A 160 61.61 -11.46 3.44
CA TYR A 160 61.70 -11.24 4.89
C TYR A 160 62.95 -11.91 5.40
N LYS A 161 63.83 -11.15 6.05
CA LYS A 161 65.06 -11.72 6.59
C LYS A 161 65.21 -11.36 8.06
N ASN A 162 66.16 -12.00 8.71
CA ASN A 162 66.68 -11.53 9.99
C ASN A 162 68.14 -11.96 10.08
N ASN A 163 68.73 -11.90 11.26
CA ASN A 163 70.13 -12.31 11.42
C ASN A 163 70.34 -13.78 11.01
N ASP A 164 69.32 -14.63 11.20
CA ASP A 164 69.44 -16.10 10.96
C ASP A 164 68.88 -16.58 9.60
N VAL A 165 67.56 -16.68 9.50
CA VAL A 165 66.88 -17.16 8.28
C VAL A 165 66.75 -16.04 7.23
N ARG A 166 66.49 -16.40 5.96
CA ARG A 166 66.13 -15.44 4.89
C ARG A 166 65.02 -16.01 4.01
N LEU A 167 63.81 -15.42 4.05
CA LEU A 167 62.65 -15.95 3.34
C LEU A 167 62.37 -15.16 2.08
N GLU A 168 62.79 -15.67 0.92
CA GLU A 168 62.55 -14.98 -0.36
C GLU A 168 61.21 -15.42 -0.91
N LEU A 169 60.15 -14.89 -0.31
CA LEU A 169 58.79 -15.38 -0.52
C LEU A 169 58.32 -15.31 -1.98
N SER A 170 58.81 -14.31 -2.71
CA SER A 170 58.43 -14.15 -4.12
C SER A 170 58.96 -15.31 -4.98
N ARG A 171 60.25 -15.59 -4.81
CA ARG A 171 60.93 -16.70 -5.50
C ARG A 171 60.37 -18.07 -5.14
N LEU A 172 60.21 -18.32 -3.84
CA LEU A 172 59.66 -19.59 -3.36
C LEU A 172 58.32 -19.88 -4.04
N ALA A 173 57.52 -18.83 -4.23
CA ALA A 173 56.24 -18.90 -4.94
C ALA A 173 56.41 -19.42 -6.37
N LYS A 174 57.22 -18.72 -7.16
CA LYS A 174 57.46 -19.11 -8.53
C LYS A 174 57.94 -20.55 -8.57
N GLN A 175 59.07 -20.81 -7.92
CA GLN A 175 59.73 -22.11 -8.02
C GLN A 175 58.95 -23.23 -7.31
N GLY A 176 58.28 -22.92 -6.21
CA GLY A 176 57.53 -23.91 -5.44
C GLY A 176 58.34 -24.45 -4.28
N ASP A 177 57.66 -24.76 -3.18
CA ASP A 177 58.34 -25.17 -1.95
C ASP A 177 57.35 -25.95 -1.11
N PRO A 178 57.77 -27.05 -0.48
CA PRO A 178 56.81 -27.77 0.36
C PRO A 178 56.06 -26.86 1.34
N LYS A 179 56.73 -25.84 1.87
CA LYS A 179 56.15 -24.89 2.82
C LYS A 179 55.19 -23.87 2.19
N MET A 180 55.34 -23.65 0.89
CA MET A 180 54.59 -22.63 0.15
C MET A 180 53.35 -23.19 -0.54
N LYS A 181 52.28 -22.39 -0.53
CA LYS A 181 51.00 -22.71 -1.20
C LYS A 181 50.40 -21.47 -1.88
N ILE A 182 49.79 -21.67 -3.04
CA ILE A 182 49.19 -20.58 -3.82
C ILE A 182 47.70 -20.91 -4.00
N HIS A 183 46.84 -20.05 -3.46
CA HIS A 183 45.40 -20.19 -3.69
C HIS A 183 45.07 -19.40 -4.95
N GLY A 184 44.43 -20.04 -5.93
CA GLY A 184 44.09 -19.40 -7.21
C GLY A 184 45.19 -19.49 -8.26
N VAL A 185 44.89 -19.03 -9.47
CA VAL A 185 45.81 -19.13 -10.61
C VAL A 185 46.52 -17.79 -10.88
N VAL A 186 47.85 -17.80 -10.81
CA VAL A 186 48.67 -16.57 -10.88
C VAL A 186 49.72 -16.67 -11.98
N ALA A 187 49.77 -15.67 -12.88
CA ALA A 187 50.86 -15.54 -13.86
C ALA A 187 52.07 -14.87 -13.20
N PHE A 188 53.27 -15.34 -13.54
CA PHE A 188 54.51 -14.94 -12.84
C PHE A 188 55.31 -13.85 -13.54
N LYS A 189 54.61 -13.03 -14.31
CA LYS A 189 55.18 -11.82 -14.87
C LYS A 189 54.36 -10.65 -14.35
N CYS A 190 54.46 -9.48 -14.98
CA CYS A 190 53.54 -8.40 -14.66
C CYS A 190 52.57 -8.25 -15.82
N GLU A 191 51.32 -8.67 -15.59
CA GLU A 191 50.22 -8.45 -16.52
C GLU A 191 49.47 -7.23 -16.02
N ASN A 192 48.77 -6.51 -16.91
CA ASN A 192 48.02 -5.32 -16.47
C ASN A 192 46.71 -5.74 -15.81
N VAL A 193 46.38 -5.09 -14.69
CA VAL A 193 45.10 -5.34 -14.02
C VAL A 193 44.06 -4.31 -14.44
N ALA A 194 43.04 -4.79 -15.14
CA ALA A 194 41.90 -3.99 -15.55
C ALA A 194 41.34 -3.26 -14.34
N THR A 195 41.06 -1.97 -14.51
CA THR A 195 40.29 -1.19 -13.51
C THR A 195 38.83 -1.65 -13.53
N LEU A 196 38.12 -1.45 -12.43
CA LEU A 196 36.71 -1.84 -12.33
C LEU A 196 35.80 -0.60 -12.46
N ASP A 197 35.37 -0.30 -13.69
CA ASP A 197 34.52 0.87 -13.99
C ASP A 197 33.39 1.07 -12.97
N PRO A 198 33.09 2.34 -12.61
CA PRO A 198 32.00 2.59 -11.68
C PRO A 198 30.69 2.54 -12.41
N ILE A 199 29.59 2.46 -11.66
CA ILE A 199 28.24 2.60 -12.25
C ILE A 199 27.36 3.58 -11.47
N THR A 200 26.38 4.17 -12.16
CA THR A 200 25.44 5.06 -11.54
C THR A 200 24.08 4.37 -11.46
N PHE A 201 23.36 4.61 -10.38
CA PHE A 201 21.99 4.14 -10.23
C PHE A 201 21.01 5.30 -10.45
N GLU A 202 20.59 5.48 -11.71
CA GLU A 202 19.81 6.66 -12.13
C GLU A 202 18.43 6.82 -11.47
N THR A 203 17.68 5.72 -11.38
CA THR A 203 16.34 5.70 -10.80
C THR A 203 16.36 4.91 -9.52
N PRO A 204 15.47 5.23 -8.55
CA PRO A 204 15.39 4.46 -7.30
C PRO A 204 15.31 2.95 -7.55
N GLU A 205 14.43 2.56 -8.48
CA GLU A 205 13.99 1.17 -8.64
C GLU A 205 15.03 0.25 -9.27
N SER A 206 16.06 0.85 -9.86
CA SER A 206 17.15 0.09 -10.46
C SER A 206 17.94 -0.61 -9.37
N PHE A 207 18.12 -1.93 -9.54
CA PHE A 207 18.89 -2.77 -8.61
C PHE A 207 19.84 -3.70 -9.34
N ILE A 208 20.62 -4.46 -8.58
CA ILE A 208 21.39 -5.58 -9.15
C ILE A 208 21.43 -6.78 -8.19
N SER A 209 21.33 -7.97 -8.79
CA SER A 209 21.53 -9.21 -8.07
C SER A 209 23.01 -9.52 -8.03
N LEU A 210 23.59 -9.40 -6.85
CA LEU A 210 24.96 -9.83 -6.61
C LEU A 210 24.89 -11.31 -6.27
N PRO A 211 26.01 -12.03 -6.42
CA PRO A 211 26.01 -13.45 -6.07
C PRO A 211 26.14 -13.70 -4.56
N LYS A 212 25.63 -14.84 -4.13
CA LYS A 212 25.53 -15.24 -2.72
C LYS A 212 26.78 -14.92 -1.86
N TRP A 213 26.55 -14.21 -0.76
CA TRP A 213 27.55 -14.04 0.29
C TRP A 213 27.69 -15.34 1.11
N ASN A 214 28.82 -16.04 0.96
CA ASN A 214 28.97 -17.37 1.55
C ASN A 214 29.34 -17.39 3.04
N ALA A 215 29.91 -16.30 3.56
CA ALA A 215 30.48 -16.28 4.91
C ALA A 215 29.41 -16.45 5.96
N LYS A 216 29.44 -17.59 6.66
CA LYS A 216 28.43 -17.90 7.68
C LYS A 216 28.83 -17.21 8.99
N LYS A 217 30.01 -17.56 9.49
CA LYS A 217 30.56 -16.94 10.69
C LYS A 217 31.22 -15.58 10.37
N THR A 218 32.21 -15.61 9.48
CA THR A 218 33.15 -14.49 9.30
C THR A 218 33.32 -14.06 7.84
N GLY A 219 33.24 -12.75 7.60
CA GLY A 219 33.36 -12.20 6.23
C GLY A 219 33.28 -10.67 6.11
N SER A 220 33.35 -10.16 4.87
CA SER A 220 33.48 -8.72 4.62
C SER A 220 32.79 -8.22 3.32
N ILE A 221 32.48 -6.92 3.30
CA ILE A 221 32.18 -6.22 2.04
C ILE A 221 32.73 -4.79 2.09
N SER A 222 33.33 -4.37 0.98
CA SER A 222 33.87 -3.04 0.85
C SER A 222 33.41 -2.47 -0.48
N PHE A 223 33.20 -1.17 -0.52
CA PHE A 223 32.78 -0.49 -1.74
C PHE A 223 32.82 1.01 -1.50
N ASP A 224 32.66 1.78 -2.58
CA ASP A 224 32.57 3.23 -2.51
C ASP A 224 31.23 3.76 -3.06
N PHE A 225 30.68 4.80 -2.44
CA PHE A 225 29.42 5.39 -2.92
C PHE A 225 29.54 6.91 -2.97
N ARG A 226 28.57 7.55 -3.63
CA ARG A 226 28.60 8.98 -3.86
C ARG A 226 27.20 9.44 -4.24
N THR A 227 26.62 10.39 -3.50
CA THR A 227 25.29 10.89 -3.84
C THR A 227 24.93 12.17 -3.06
N THR A 228 23.95 12.93 -3.56
CA THR A 228 23.27 13.96 -2.78
C THR A 228 21.88 13.51 -2.35
N GLU A 229 21.54 12.26 -2.65
CA GLU A 229 20.23 11.69 -2.28
C GLU A 229 20.19 11.30 -0.79
N PRO A 230 19.28 11.90 -0.02
CA PRO A 230 19.28 11.65 1.42
C PRO A 230 18.72 10.29 1.85
N ASN A 231 18.06 9.58 0.93
CA ASN A 231 17.41 8.30 1.25
C ASN A 231 17.65 7.26 0.17
N GLY A 232 18.00 6.05 0.55
CA GLY A 232 18.21 4.98 -0.42
C GLY A 232 18.79 3.70 0.15
N LEU A 233 18.18 2.55 -0.19
CA LEU A 233 18.62 1.23 0.29
C LEU A 233 19.79 0.75 -0.56
N ILE A 234 20.96 0.56 0.05
CA ILE A 234 22.16 0.28 -0.73
C ILE A 234 22.39 -1.21 -0.89
N LEU A 235 22.53 -1.92 0.23
CA LEU A 235 22.75 -3.37 0.20
C LEU A 235 21.79 -4.06 1.13
N PHE A 236 21.27 -5.20 0.68
CA PHE A 236 20.34 -5.97 1.48
C PHE A 236 20.29 -7.44 1.09
N SER A 237 20.35 -8.32 2.11
CA SER A 237 20.07 -9.76 1.93
C SER A 237 19.48 -10.38 3.20
N HIS A 238 18.65 -11.42 3.04
CA HIS A 238 17.92 -12.04 4.15
C HIS A 238 17.88 -13.57 4.10
N GLY A 239 17.44 -14.18 5.20
CA GLY A 239 17.46 -15.64 5.36
C GLY A 239 16.19 -16.32 4.88
N LYS A 240 15.84 -17.43 5.53
CA LYS A 240 14.69 -18.26 5.15
C LYS A 240 13.77 -18.37 6.37
N PRO A 241 12.46 -18.11 6.20
CA PRO A 241 11.49 -18.06 7.30
C PRO A 241 11.68 -19.12 8.40
N ARG A 242 11.99 -18.65 9.62
CA ARG A 242 11.94 -19.49 10.83
C ARG A 242 10.92 -18.84 11.76
N HIS A 243 9.89 -19.61 12.14
CA HIS A 243 8.63 -19.06 12.69
C HIS A 243 8.83 -18.28 14.01
N GLN A 244 7.91 -17.33 14.25
CA GLN A 244 7.78 -16.59 15.53
C GLN A 244 9.07 -15.92 16.02
N ALA A 247 8.99 -9.91 17.93
CA ALA A 247 7.69 -10.20 17.36
C ALA A 247 7.03 -11.44 17.98
N LYS A 248 6.71 -11.35 19.27
CA LYS A 248 5.78 -12.29 19.93
C LYS A 248 4.55 -11.53 20.45
N HIS A 249 4.39 -10.29 19.98
CA HIS A 249 3.18 -9.48 20.21
C HIS A 249 2.37 -9.27 18.89
N PRO A 250 3.05 -9.05 17.73
CA PRO A 250 2.45 -9.31 16.41
C PRO A 250 3.00 -10.62 15.78
N GLN A 251 2.22 -11.24 14.87
CA GLN A 251 2.58 -12.56 14.27
C GLN A 251 3.21 -12.43 12.86
N MET A 252 4.48 -12.06 12.82
CA MET A 252 5.18 -11.79 11.55
C MET A 252 6.04 -12.97 11.09
N ILE A 253 6.59 -12.81 9.89
CA ILE A 253 7.62 -13.71 9.35
C ILE A 253 8.98 -13.18 9.82
N LYS A 254 9.58 -13.90 10.78
CA LYS A 254 10.92 -13.55 11.30
C LYS A 254 12.02 -14.12 10.38
N VAL A 255 13.12 -13.39 10.25
CA VAL A 255 14.20 -13.80 9.35
C VAL A 255 15.54 -13.14 9.68
N ASP A 256 16.63 -13.86 9.37
CA ASP A 256 18.00 -13.35 9.49
C ASP A 256 18.31 -12.42 8.33
N PHE A 257 18.94 -11.28 8.60
CA PHE A 257 19.24 -10.34 7.54
C PHE A 257 20.34 -9.40 7.94
N PHE A 258 20.79 -8.63 6.93
CA PHE A 258 21.67 -7.49 7.13
C PHE A 258 21.34 -6.43 6.06
N ALA A 259 21.66 -5.17 6.33
CA ALA A 259 21.39 -4.10 5.36
C ALA A 259 22.19 -2.83 5.59
N ILE A 260 22.42 -2.08 4.52
CA ILE A 260 23.08 -0.78 4.59
C ILE A 260 22.23 0.22 3.82
N GLU A 261 21.63 1.16 4.55
CA GLU A 261 20.70 2.12 3.96
C GLU A 261 21.10 3.55 4.31
N MET A 262 20.53 4.52 3.61
CA MET A 262 20.66 5.93 3.97
C MET A 262 19.28 6.49 4.31
N LEU A 263 19.17 7.10 5.49
CA LEU A 263 17.95 7.76 5.92
C LEU A 263 18.26 9.17 6.38
N ASP A 264 17.72 10.15 5.65
CA ASP A 264 17.75 11.57 6.05
C ASP A 264 19.16 12.17 6.04
N GLY A 265 20.08 11.49 5.34
CA GLY A 265 21.47 11.89 5.29
C GLY A 265 22.40 10.84 5.88
N HIS A 266 22.08 10.38 7.08
CA HIS A 266 23.00 9.51 7.80
C HIS A 266 22.93 8.10 7.20
N LEU A 267 23.98 7.32 7.40
CA LEU A 267 24.16 5.99 6.80
C LEU A 267 24.15 4.97 7.93
N TYR A 268 23.52 3.82 7.69
CA TYR A 268 23.27 2.85 8.73
C TYR A 268 23.63 1.42 8.29
N LEU A 269 24.26 0.67 9.19
CA LEU A 269 24.30 -0.80 9.08
C LEU A 269 23.19 -1.35 9.96
N LEU A 270 22.36 -2.22 9.39
CA LEU A 270 21.42 -3.04 10.15
C LEU A 270 21.85 -4.51 10.08
N LEU A 271 21.60 -5.24 11.15
CA LEU A 271 21.97 -6.63 11.23
C LEU A 271 21.12 -7.36 12.28
N ASP A 272 20.68 -8.59 11.98
CA ASP A 272 19.87 -9.44 12.86
C ASP A 272 20.24 -10.89 12.60
N MET A 273 20.78 -11.59 13.61
CA MET A 273 21.36 -12.93 13.43
C MET A 273 20.50 -14.05 14.06
N GLY A 274 19.34 -13.68 14.58
CA GLY A 274 18.47 -14.63 15.27
C GLY A 274 17.89 -14.11 16.56
N SER A 275 18.53 -13.10 17.14
CA SER A 275 18.21 -12.69 18.49
C SER A 275 17.83 -11.21 18.60
N GLY A 276 17.28 -10.66 17.52
CA GLY A 276 16.96 -9.23 17.47
C GLY A 276 17.91 -8.46 16.56
N THR A 277 17.51 -7.24 16.23
CA THR A 277 18.24 -6.40 15.31
C THR A 277 19.14 -5.45 16.07
N ILE A 278 20.16 -4.91 15.39
CA ILE A 278 20.90 -3.75 15.87
C ILE A 278 21.13 -2.75 14.73
N LYS A 279 20.59 -1.56 14.92
CA LYS A 279 20.74 -0.46 13.96
C LYS A 279 21.93 0.36 14.46
N ILE A 280 23.01 0.40 13.68
CA ILE A 280 24.20 1.20 14.02
C ILE A 280 24.45 2.28 12.95
N LYS A 281 24.39 3.54 13.39
CA LYS A 281 24.75 4.69 12.55
C LYS A 281 26.25 4.67 12.31
N ALA A 282 26.65 4.53 11.05
CA ALA A 282 28.03 4.15 10.70
C ALA A 282 29.01 5.30 10.67
N LEU A 283 28.50 6.52 10.86
CA LEU A 283 29.31 7.75 10.91
C LEU A 283 28.37 8.85 11.41
N GLN A 284 28.84 9.73 12.28
CA GLN A 284 27.95 10.75 12.88
C GLN A 284 27.49 11.78 11.84
N LYS A 285 28.33 11.99 10.83
CA LYS A 285 28.11 13.02 9.83
C LYS A 285 27.17 12.53 8.75
N LYS A 286 26.33 13.43 8.23
CA LYS A 286 25.55 13.14 7.02
C LYS A 286 26.52 12.90 5.87
N VAL A 287 26.29 11.87 5.07
CA VAL A 287 27.26 11.51 4.02
C VAL A 287 26.71 11.63 2.60
N ASN A 288 25.68 12.46 2.41
CA ASN A 288 25.13 12.70 1.08
C ASN A 288 25.51 14.09 0.58
N ASP A 289 26.82 14.38 0.60
CA ASP A 289 27.40 15.64 0.10
C ASP A 289 27.88 15.51 -1.35
N GLY A 290 27.74 14.32 -1.92
CA GLY A 290 28.17 14.05 -3.29
C GLY A 290 29.65 13.82 -3.45
N GLU A 291 30.30 13.33 -2.40
CA GLU A 291 31.72 13.00 -2.48
C GLU A 291 31.85 11.51 -2.34
N TRP A 292 32.87 10.95 -3.01
CA TRP A 292 33.20 9.54 -2.87
C TRP A 292 33.54 9.21 -1.41
N TYR A 293 32.88 8.21 -0.84
CA TYR A 293 33.15 7.73 0.52
C TYR A 293 33.47 6.24 0.42
N HIS A 294 34.49 5.79 1.13
CA HIS A 294 34.84 4.37 1.14
C HIS A 294 34.25 3.73 2.38
N VAL A 295 33.60 2.59 2.19
CA VAL A 295 33.02 1.80 3.28
C VAL A 295 33.70 0.43 3.30
N ASP A 296 34.10 0.00 4.49
CA ASP A 296 34.64 -1.35 4.74
C ASP A 296 33.88 -1.94 5.94
N PHE A 297 33.08 -2.95 5.65
CA PHE A 297 32.37 -3.68 6.67
C PHE A 297 32.93 -5.10 6.77
N GLN A 298 33.49 -5.42 7.94
CA GLN A 298 33.94 -6.76 8.23
C GLN A 298 33.30 -7.24 9.53
N ARG A 299 33.16 -8.57 9.65
CA ARG A 299 32.56 -9.19 10.83
C ARG A 299 33.23 -10.51 11.21
N ASP A 300 33.31 -10.74 12.52
CA ASP A 300 33.76 -12.01 13.07
C ASP A 300 32.71 -12.49 14.03
N GLY A 301 31.73 -13.23 13.53
CA GLY A 301 30.67 -13.80 14.36
C GLY A 301 29.62 -12.79 14.75
N ARG A 302 29.37 -12.67 16.06
CA ARG A 302 28.34 -11.77 16.59
C ARG A 302 28.78 -10.28 16.64
N SER A 303 30.08 -10.03 16.55
CA SER A 303 30.64 -8.68 16.51
C SER A 303 31.28 -8.37 15.16
N GLY A 304 31.87 -7.18 15.04
CA GLY A 304 32.58 -6.78 13.83
C GLY A 304 32.80 -5.29 13.82
N THR A 305 33.30 -4.78 12.71
CA THR A 305 33.59 -3.37 12.56
C THR A 305 33.02 -2.86 11.26
N ILE A 306 32.47 -1.65 11.27
CA ILE A 306 32.22 -0.94 10.02
C ILE A 306 33.06 0.32 10.00
N SER A 307 33.59 0.66 8.82
CA SER A 307 34.46 1.81 8.66
C SER A 307 34.03 2.71 7.51
N VAL A 308 34.08 4.01 7.74
CA VAL A 308 33.87 4.98 6.67
C VAL A 308 35.08 5.94 6.65
N ASN A 309 35.86 5.88 5.59
CA ASN A 309 37.05 6.71 5.45
C ASN A 309 38.06 6.60 6.62
N THR A 310 38.37 5.37 7.03
CA THR A 310 39.38 5.14 8.06
C THR A 310 38.86 5.43 9.47
N LEU A 311 37.54 5.45 9.63
CA LEU A 311 36.96 5.77 10.92
C LEU A 311 36.02 4.66 11.29
N ARG A 312 36.41 3.91 12.31
CA ARG A 312 35.76 2.63 12.64
C ARG A 312 34.70 2.73 13.75
N THR A 313 33.79 1.77 13.72
CA THR A 313 32.72 1.69 14.71
C THR A 313 32.52 0.22 15.05
N PRO A 314 32.83 -0.17 16.31
CA PRO A 314 32.55 -1.55 16.74
C PRO A 314 31.05 -1.77 17.00
N TYR A 315 30.55 -2.94 16.63
CA TYR A 315 29.13 -3.27 16.81
C TYR A 315 28.98 -4.70 17.34
N THR A 316 27.93 -4.94 18.13
CA THR A 316 27.57 -6.30 18.55
C THR A 316 26.10 -6.53 18.32
N ALA A 317 25.78 -7.67 17.71
CA ALA A 317 24.40 -8.15 17.62
C ALA A 317 24.02 -8.72 18.98
N PRO A 318 22.77 -8.51 19.41
CA PRO A 318 22.37 -9.11 20.70
C PRO A 318 22.12 -10.61 20.57
N GLY A 319 22.18 -11.30 21.70
CA GLY A 319 21.93 -12.72 21.75
C GLY A 319 23.15 -13.58 21.99
N GLU A 320 23.08 -14.83 21.51
CA GLU A 320 24.21 -15.75 21.51
C GLU A 320 24.44 -16.26 20.09
N SER A 321 24.05 -15.46 19.10
CA SER A 321 23.92 -15.89 17.71
C SER A 321 25.15 -15.50 16.86
N GLU A 322 25.99 -16.49 16.54
CA GLU A 322 27.27 -16.24 15.87
C GLU A 322 27.19 -16.25 14.33
N ILE A 323 26.19 -16.93 13.78
CA ILE A 323 26.05 -17.08 12.33
C ILE A 323 24.92 -16.23 11.76
N LEU A 324 25.24 -15.51 10.68
CA LEU A 324 24.25 -14.83 9.85
C LEU A 324 24.07 -15.68 8.61
N ASP A 325 23.02 -16.50 8.59
CA ASP A 325 22.81 -17.51 7.54
C ASP A 325 21.98 -16.98 6.35
N LEU A 326 22.60 -16.12 5.53
CA LEU A 326 22.02 -15.68 4.26
C LEU A 326 21.88 -16.85 3.30
N ASP A 327 20.97 -16.76 2.35
CA ASP A 327 20.64 -17.93 1.53
C ASP A 327 20.59 -17.68 0.03
N ASP A 328 20.02 -16.55 -0.37
CA ASP A 328 19.62 -16.36 -1.76
C ASP A 328 20.37 -15.17 -2.32
N GLU A 329 19.66 -14.26 -2.98
CA GLU A 329 20.29 -13.19 -3.71
C GLU A 329 20.85 -12.15 -2.72
N LEU A 330 21.85 -11.41 -3.18
CA LEU A 330 22.34 -10.23 -2.50
C LEU A 330 22.00 -9.02 -3.38
N TYR A 331 21.34 -8.02 -2.80
CA TYR A 331 20.82 -6.90 -3.57
C TYR A 331 21.64 -5.61 -3.44
N LEU A 332 21.69 -4.84 -4.53
CA LEU A 332 22.45 -3.60 -4.59
C LEU A 332 21.70 -2.50 -5.33
N GLY A 333 21.45 -1.38 -4.63
CA GLY A 333 20.85 -0.16 -5.24
C GLY A 333 19.35 0.01 -5.13
N GLY A 334 18.70 -0.98 -4.52
CA GLY A 334 17.25 -1.11 -4.50
C GLY A 334 16.78 -2.57 -4.55
N LEU A 335 15.45 -2.79 -4.55
CA LEU A 335 14.89 -4.13 -4.54
C LEU A 335 13.90 -4.38 -5.70
N PRO A 336 13.61 -5.66 -5.99
CA PRO A 336 12.66 -5.98 -7.04
C PRO A 336 11.21 -6.02 -6.53
N GLU A 337 10.29 -5.47 -7.33
CA GLU A 337 8.88 -5.41 -6.96
C GLU A 337 8.16 -6.71 -7.33
N ASN A 338 7.14 -7.06 -6.56
CA ASN A 338 6.31 -8.26 -6.81
C ASN A 338 7.11 -9.57 -6.96
N LYS A 339 8.31 -9.62 -6.40
CA LYS A 339 9.14 -10.84 -6.39
C LYS A 339 8.67 -11.76 -5.26
N ALA A 340 8.08 -12.90 -5.64
CA ALA A 340 7.55 -13.86 -4.68
C ALA A 340 8.66 -14.36 -3.76
N GLY A 341 8.31 -14.56 -2.48
CA GLY A 341 9.25 -15.08 -1.47
C GLY A 341 10.23 -14.09 -0.86
N LEU A 342 10.04 -12.79 -1.12
CA LEU A 342 10.91 -11.77 -0.54
C LEU A 342 10.21 -11.07 0.63
N VAL A 343 10.92 -11.00 1.77
CA VAL A 343 10.38 -10.40 2.97
C VAL A 343 11.11 -9.10 3.27
N PHE A 344 10.36 -8.01 3.31
CA PHE A 344 10.88 -6.73 3.72
C PHE A 344 10.68 -6.68 5.23
N PRO A 345 11.76 -6.79 6.01
CA PRO A 345 11.57 -6.68 7.45
C PRO A 345 11.33 -5.23 7.86
N THR A 346 10.77 -5.06 9.05
CA THR A 346 10.28 -3.78 9.51
C THR A 346 11.41 -2.81 9.87
N GLU A 347 12.52 -3.34 10.36
CA GLU A 347 13.60 -2.51 10.90
C GLU A 347 14.32 -1.70 9.79
N VAL A 348 14.31 -2.27 8.58
CA VAL A 348 14.92 -1.63 7.43
C VAL A 348 13.93 -0.66 6.80
N TRP A 349 13.93 0.57 7.31
CA TRP A 349 12.84 1.54 7.05
C TRP A 349 12.69 1.88 5.58
N THR A 350 13.82 1.91 4.90
CA THR A 350 13.89 2.17 3.48
C THR A 350 13.13 1.13 2.64
N ALA A 351 13.36 -0.15 2.94
CA ALA A 351 12.72 -1.26 2.22
C ALA A 351 11.23 -1.05 2.01
N LEU A 352 10.55 -0.70 3.11
CA LEU A 352 9.09 -0.64 3.20
C LEU A 352 8.55 0.77 2.80
N LEU A 353 9.42 1.78 2.74
CA LEU A 353 9.09 3.13 2.27
C LEU A 353 9.40 3.30 0.77
N ASN A 354 9.85 2.22 0.14
CA ASN A 354 10.20 2.17 -1.27
C ASN A 354 11.18 3.25 -1.65
N TYR A 355 12.24 3.33 -0.86
CA TYR A 355 13.30 4.26 -1.14
C TYR A 355 14.45 3.46 -1.71
N GLY A 356 14.41 3.24 -3.01
CA GLY A 356 15.56 2.70 -3.73
C GLY A 356 16.68 3.71 -3.73
N TYR A 357 17.89 3.23 -3.95
CA TYR A 357 19.08 4.09 -4.02
C TYR A 357 19.26 4.65 -5.41
N VAL A 358 19.85 5.84 -5.41
CA VAL A 358 20.20 6.60 -6.60
C VAL A 358 21.58 7.24 -6.35
N GLY A 359 22.55 6.94 -7.19
CA GLY A 359 23.90 7.48 -7.02
C GLY A 359 24.99 6.53 -7.47
N CYS A 360 26.24 7.00 -7.44
CA CYS A 360 27.36 6.21 -7.91
C CYS A 360 27.75 5.08 -6.92
N ILE A 361 28.36 4.02 -7.46
CA ILE A 361 29.00 2.94 -6.68
C ILE A 361 30.19 2.42 -7.47
N ARG A 362 31.24 1.99 -6.78
CA ARG A 362 32.40 1.39 -7.47
C ARG A 362 33.19 0.47 -6.57
N ASP A 363 34.15 -0.23 -7.17
CA ASP A 363 35.06 -1.08 -6.43
C ASP A 363 34.34 -1.92 -5.37
N LEU A 364 33.46 -2.81 -5.81
CA LEU A 364 32.75 -3.69 -4.87
C LEU A 364 33.63 -4.93 -4.58
N PHE A 365 33.94 -5.14 -3.31
CA PHE A 365 34.66 -6.33 -2.88
C PHE A 365 33.77 -7.10 -1.92
N ILE A 366 33.74 -8.44 -2.08
CA ILE A 366 33.04 -9.34 -1.13
C ILE A 366 33.98 -10.44 -0.65
N ASP A 367 34.22 -10.50 0.66
CA ASP A 367 35.12 -11.49 1.25
C ASP A 367 36.50 -11.38 0.60
N GLY A 368 36.98 -10.16 0.43
CA GLY A 368 38.31 -9.91 -0.10
C GLY A 368 38.41 -9.88 -1.61
N GLN A 369 37.47 -10.52 -2.31
CA GLN A 369 37.50 -10.66 -3.77
C GLN A 369 36.77 -9.50 -4.47
N SER A 370 37.39 -8.98 -5.53
CA SER A 370 36.80 -7.87 -6.28
C SER A 370 35.74 -8.39 -7.27
N LYS A 371 34.80 -7.53 -7.62
CA LYS A 371 33.60 -7.94 -8.37
C LYS A 371 33.25 -6.91 -9.46
N ASP A 372 33.33 -7.31 -10.74
CA ASP A 372 33.08 -6.39 -11.87
C ASP A 372 31.59 -6.07 -12.02
N ILE A 373 31.13 -4.96 -11.42
CA ILE A 373 29.68 -4.70 -11.31
C ILE A 373 29.05 -4.04 -12.55
N ARG A 374 29.86 -3.38 -13.37
CA ARG A 374 29.41 -2.99 -14.69
C ARG A 374 29.05 -4.24 -15.50
N GLN A 375 29.93 -5.23 -15.40
CA GLN A 375 29.83 -6.50 -16.12
C GLN A 375 28.50 -7.21 -15.86
N MET A 376 28.10 -7.24 -14.59
CA MET A 376 26.85 -7.88 -14.20
C MET A 376 25.67 -7.10 -14.76
N ALA A 377 25.78 -5.78 -14.73
CA ALA A 377 24.74 -4.89 -15.22
C ALA A 377 24.47 -5.03 -16.73
N GLU A 378 25.43 -5.56 -17.48
CA GLU A 378 25.21 -5.83 -18.90
C GLU A 378 24.62 -7.24 -19.15
N VAL A 379 24.87 -8.18 -18.24
CA VAL A 379 24.39 -9.56 -18.41
C VAL A 379 22.97 -9.68 -17.89
N GLN A 380 22.67 -8.98 -16.80
CA GLN A 380 21.31 -8.93 -16.26
C GLN A 380 20.43 -8.05 -17.14
N SER A 381 21.07 -7.14 -17.88
CA SER A 381 20.40 -6.21 -18.78
C SER A 381 19.53 -5.20 -18.01
N THR A 382 19.99 -4.85 -16.81
CA THR A 382 19.20 -4.06 -15.83
C THR A 382 18.96 -2.64 -16.31
N ALA A 383 17.68 -2.24 -16.27
CA ALA A 383 17.26 -0.91 -16.69
C ALA A 383 17.61 0.10 -15.61
N GLY A 384 17.81 1.35 -16.00
CA GLY A 384 18.05 2.44 -15.04
C GLY A 384 19.47 2.58 -14.51
N VAL A 385 20.40 1.78 -15.04
CA VAL A 385 21.82 1.88 -14.70
C VAL A 385 22.65 2.35 -15.90
N LYS A 386 23.61 3.26 -15.66
CA LYS A 386 24.63 3.67 -16.64
C LYS A 386 26.07 3.43 -16.12
N PRO A 387 27.04 3.30 -17.04
CA PRO A 387 28.34 2.81 -16.66
C PRO A 387 29.35 3.95 -16.45
N SER A 388 29.07 4.86 -15.54
CA SER A 388 29.93 6.01 -15.32
C SER A 388 29.55 6.75 -14.06
N CYS A 389 30.36 7.73 -13.70
CA CYS A 389 29.99 8.65 -12.64
C CYS A 389 30.34 10.06 -13.08
N SER A 390 29.30 10.88 -13.21
CA SER A 390 29.43 12.23 -13.71
C SER A 390 28.65 13.12 -12.78
N ARG A 391 29.37 13.88 -11.96
CA ARG A 391 28.78 14.89 -11.09
C ARG A 391 28.34 16.12 -11.91
N GLU A 392 27.13 15.98 -12.49
CA GLU A 392 26.63 16.77 -13.66
C GLU A 392 26.67 18.30 -13.58
N THR A 393 26.65 18.89 -14.78
CA THR A 393 26.95 20.32 -15.02
C THR A 393 26.07 21.31 -14.26
N ALA A 394 24.75 21.14 -14.35
CA ALA A 394 23.82 22.10 -13.76
C ALA A 394 22.66 21.34 -13.14
N LYS A 395 22.30 21.76 -11.94
CA LYS A 395 21.11 21.29 -11.27
C LYS A 395 19.89 21.23 -12.23
N PRO A 396 19.14 20.11 -12.21
CA PRO A 396 18.14 19.97 -13.26
C PRO A 396 16.91 20.85 -13.07
N CYS A 397 16.67 21.34 -11.85
CA CYS A 397 15.46 22.10 -11.57
C CYS A 397 15.44 23.47 -12.23
N LEU A 398 16.60 23.98 -12.64
CA LEU A 398 16.64 25.23 -13.41
C LEU A 398 15.59 25.24 -14.54
N SER A 399 15.51 24.15 -15.31
CA SER A 399 14.53 24.01 -16.41
C SER A 399 13.08 24.20 -15.92
N ASN A 400 12.87 24.26 -14.60
CA ASN A 400 11.53 24.23 -14.00
C ASN A 400 10.63 23.20 -14.66
N PRO A 401 10.93 21.90 -14.42
CA PRO A 401 10.31 20.80 -15.13
C PRO A 401 9.04 20.27 -14.46
N CYS A 402 8.57 20.97 -13.43
CA CYS A 402 7.49 20.42 -12.63
C CYS A 402 6.23 21.28 -12.60
N LYS A 403 5.22 20.73 -13.26
CA LYS A 403 4.12 21.50 -13.78
C LYS A 403 3.05 21.55 -12.71
N ASN A 404 2.39 22.70 -12.61
CA ASN A 404 1.29 22.91 -11.66
C ASN A 404 1.72 23.14 -10.20
N ASN A 405 2.83 23.88 -10.02
CA ASN A 405 3.38 24.23 -8.70
C ASN A 405 4.02 23.08 -7.93
N GLY A 406 4.35 22.00 -8.63
CA GLY A 406 5.04 20.87 -7.99
C GLY A 406 6.43 21.26 -7.53
N MET A 407 6.78 20.96 -6.27
CA MET A 407 8.09 21.37 -5.72
C MET A 407 9.24 20.58 -6.34
N CYS A 408 10.12 21.25 -7.08
CA CYS A 408 11.29 20.59 -7.61
C CYS A 408 12.41 20.51 -6.58
N ARG A 409 13.33 19.58 -6.80
CA ARG A 409 14.41 19.30 -5.87
C ARG A 409 15.48 18.55 -6.62
N ASP A 410 16.73 18.94 -6.42
CA ASP A 410 17.83 18.40 -7.19
C ASP A 410 18.33 17.11 -6.57
N GLY A 411 18.30 16.02 -7.33
CA GLY A 411 18.89 14.75 -6.90
C GLY A 411 20.17 14.46 -7.67
N TRP A 412 20.66 13.22 -7.56
CA TRP A 412 21.80 12.79 -8.37
C TRP A 412 21.33 12.56 -9.82
N ASN A 413 21.68 13.51 -10.70
CA ASN A 413 21.39 13.45 -12.13
C ASN A 413 19.89 13.37 -12.50
N ARG A 414 19.03 13.93 -11.65
CA ARG A 414 17.60 13.95 -11.95
C ARG A 414 16.85 14.98 -11.12
N TYR A 415 15.81 15.57 -11.71
CA TYR A 415 14.85 16.36 -10.96
C TYR A 415 13.94 15.40 -10.23
N VAL A 416 13.55 15.76 -9.01
CA VAL A 416 12.61 14.97 -8.21
C VAL A 416 11.48 15.87 -7.77
N CYS A 417 10.25 15.44 -8.02
CA CYS A 417 9.11 16.31 -7.76
C CYS A 417 8.06 15.81 -6.77
N ASP A 418 7.69 16.73 -5.88
CA ASP A 418 6.68 16.48 -4.86
C ASP A 418 5.37 17.16 -5.26
N CYS A 419 4.47 16.35 -5.80
CA CYS A 419 3.23 16.86 -6.36
C CYS A 419 1.98 16.63 -5.52
N SER A 420 2.17 16.24 -4.27
CA SER A 420 1.14 16.39 -3.25
C SER A 420 0.84 17.88 -3.19
N GLY A 421 -0.37 18.24 -2.81
CA GLY A 421 -0.76 19.64 -2.75
C GLY A 421 -0.90 20.34 -4.10
N THR A 422 -1.03 19.58 -5.18
CA THR A 422 -1.22 20.14 -6.51
C THR A 422 -2.36 19.52 -7.32
N GLY A 423 -2.96 18.45 -6.82
CA GLY A 423 -4.00 17.75 -7.57
C GLY A 423 -3.52 16.96 -8.79
N TYR A 424 -2.19 16.81 -8.93
CA TYR A 424 -1.62 16.01 -10.00
C TYR A 424 -0.72 14.89 -9.44
N LEU A 425 -0.19 14.05 -10.33
CA LEU A 425 0.78 13.02 -9.97
C LEU A 425 1.59 12.63 -11.20
N GLY A 426 2.58 11.76 -11.01
CA GLY A 426 3.50 11.35 -12.08
C GLY A 426 4.84 12.05 -11.95
N ARG A 427 5.88 11.51 -12.58
CA ARG A 427 7.25 12.05 -12.40
C ARG A 427 7.30 13.59 -12.40
N SER A 428 6.66 14.21 -13.39
CA SER A 428 6.66 15.68 -13.61
C SER A 428 5.27 16.30 -13.46
N CYS A 429 4.32 15.53 -12.96
CA CYS A 429 3.01 16.03 -12.46
C CYS A 429 2.08 16.49 -13.53
N GLU A 430 1.95 15.59 -14.50
CA GLU A 430 1.25 15.80 -15.74
C GLU A 430 -0.06 15.02 -15.77
N ARG A 431 -0.13 13.94 -15.00
CA ARG A 431 -1.33 13.13 -14.89
C ARG A 431 -2.21 13.73 -13.82
N GLU A 432 -3.41 14.22 -14.16
CA GLU A 432 -4.31 14.76 -13.13
C GLU A 432 -4.90 13.64 -12.31
N ALA A 433 -5.06 13.90 -11.02
CA ALA A 433 -5.35 12.85 -10.06
C ALA A 433 -6.86 12.69 -9.80
N THR A 434 -7.26 11.44 -9.68
CA THR A 434 -8.63 11.08 -9.42
C THR A 434 -9.13 11.71 -8.12
N VAL A 435 -10.43 12.03 -8.10
CA VAL A 435 -11.10 12.58 -6.94
C VAL A 435 -12.20 11.62 -6.51
N LEU A 436 -12.55 11.63 -5.22
CA LEU A 436 -13.57 10.71 -4.69
C LEU A 436 -14.62 11.47 -3.85
N SER A 437 -15.92 11.26 -4.11
CA SER A 437 -16.99 11.93 -3.33
C SER A 437 -17.55 11.04 -2.24
N TYR A 438 -17.67 11.57 -1.02
CA TYR A 438 -18.35 10.86 0.05
C TYR A 438 -19.48 11.70 0.62
N ASP A 439 -20.68 11.13 0.74
CA ASP A 439 -21.86 11.81 1.34
C ASP A 439 -22.21 11.39 2.78
N GLY A 440 -21.21 11.00 3.56
CA GLY A 440 -21.42 10.54 4.93
C GLY A 440 -21.89 9.10 5.08
N SER A 441 -22.13 8.42 3.98
CA SER A 441 -22.61 7.05 3.99
C SER A 441 -21.82 6.22 2.99
N MET A 442 -20.56 6.62 2.76
CA MET A 442 -19.70 6.03 1.71
C MET A 442 -18.34 5.73 2.27
N PHE A 443 -17.71 4.66 1.77
CA PHE A 443 -16.34 4.30 2.19
C PHE A 443 -15.50 3.92 0.99
N MET A 444 -14.20 3.78 1.23
CA MET A 444 -13.27 3.20 0.26
C MET A 444 -12.09 2.57 0.99
N LYS A 445 -12.08 1.23 0.99
CA LYS A 445 -11.22 0.40 1.83
C LYS A 445 -10.20 -0.32 0.97
N ILE A 446 -8.91 -0.19 1.28
CA ILE A 446 -7.90 -0.99 0.58
C ILE A 446 -7.48 -2.12 1.50
N GLN A 447 -7.98 -3.34 1.22
CA GLN A 447 -7.57 -4.53 1.99
C GLN A 447 -6.29 -5.01 1.33
N LEU A 448 -5.17 -4.90 2.02
CA LEU A 448 -3.91 -5.20 1.39
C LEU A 448 -3.82 -6.71 1.18
N PRO A 449 -2.96 -7.15 0.22
CA PRO A 449 -2.82 -8.59 -0.06
C PRO A 449 -2.32 -9.37 1.14
N VAL A 450 -1.40 -8.77 1.90
CA VAL A 450 -0.82 -9.43 3.06
C VAL A 450 -0.59 -8.41 4.18
N VAL A 451 -0.79 -8.90 5.40
CA VAL A 451 -0.67 -8.17 6.66
C VAL A 451 0.62 -7.36 6.71
N MET A 452 0.57 -6.04 6.61
CA MET A 452 1.78 -5.19 6.79
C MET A 452 2.15 -4.94 8.25
N HIS A 453 3.42 -4.63 8.48
CA HIS A 453 3.93 -4.14 9.77
C HIS A 453 5.03 -3.14 9.52
N THR A 454 4.82 -1.90 9.93
CA THR A 454 5.74 -0.82 9.61
C THR A 454 6.21 -0.12 10.88
N GLU A 455 7.44 0.40 10.85
CA GLU A 455 7.97 1.27 11.90
C GLU A 455 8.10 2.72 11.43
N ALA A 456 7.96 2.93 10.12
CA ALA A 456 8.08 4.24 9.52
C ALA A 456 7.08 4.34 8.40
N GLU A 457 6.57 5.55 8.16
CA GLU A 457 5.60 5.82 7.09
C GLU A 457 5.61 7.28 6.58
N ASP A 458 5.28 7.41 5.30
CA ASP A 458 4.89 8.66 4.69
C ASP A 458 3.42 8.49 4.31
N VAL A 459 2.57 9.43 4.72
CA VAL A 459 1.18 9.37 4.34
C VAL A 459 0.70 10.78 4.02
N SER A 460 0.25 11.00 2.80
CA SER A 460 -0.24 12.31 2.39
C SER A 460 -1.57 12.18 1.63
N LEU A 461 -2.39 13.22 1.73
CA LEU A 461 -3.67 13.29 1.03
C LEU A 461 -4.21 14.73 1.01
N ARG A 462 -5.14 14.97 0.11
CA ARG A 462 -5.84 16.23 0.00
C ARG A 462 -7.30 16.02 0.40
N PHE A 463 -7.85 16.99 1.11
CA PHE A 463 -9.25 16.96 1.44
C PHE A 463 -9.88 18.32 1.20
N ARG A 464 -11.17 18.39 1.50
CA ARG A 464 -12.04 19.51 1.22
C ARG A 464 -13.39 19.16 1.86
N SER A 465 -13.82 19.98 2.80
CA SER A 465 -15.08 19.73 3.48
C SER A 465 -15.66 21.02 4.05
N GLN A 466 -16.98 21.06 4.19
CA GLN A 466 -17.64 22.10 4.97
C GLN A 466 -17.82 21.67 6.41
N ARG A 467 -17.60 20.39 6.69
CA ARG A 467 -17.72 19.85 8.04
C ARG A 467 -16.44 20.12 8.82
N ALA A 468 -16.57 20.39 10.13
CA ALA A 468 -15.42 20.53 11.03
C ALA A 468 -14.97 19.23 11.73
N TYR A 469 -15.54 18.11 11.28
CA TYR A 469 -15.33 16.81 11.89
C TYR A 469 -15.47 15.73 10.82
N GLY A 470 -14.71 14.64 10.96
CA GLY A 470 -14.88 13.50 10.09
C GLY A 470 -13.57 12.82 9.85
N ILE A 471 -13.64 11.53 9.52
CA ILE A 471 -12.44 10.76 9.28
C ILE A 471 -11.89 11.02 7.87
N LEU A 472 -10.59 11.29 7.78
CA LEU A 472 -9.91 11.44 6.48
C LEU A 472 -9.33 10.11 6.01
N MET A 473 -8.48 9.53 6.85
CA MET A 473 -7.90 8.22 6.57
C MET A 473 -7.58 7.50 7.87
N ALA A 474 -7.59 6.17 7.82
CA ALA A 474 -7.22 5.40 8.99
C ALA A 474 -6.78 4.00 8.61
N THR A 475 -5.74 3.48 9.29
CA THR A 475 -5.31 2.09 9.15
C THR A 475 -5.97 1.23 10.22
N THR A 476 -6.51 0.09 9.81
CA THR A 476 -7.19 -0.82 10.73
C THR A 476 -6.63 -2.21 10.63
N SER A 477 -6.82 -2.97 11.71
CA SER A 477 -6.34 -4.34 11.83
C SER A 477 -7.41 -5.25 12.38
N ARG A 478 -7.70 -6.30 11.64
CA ARG A 478 -8.60 -7.36 12.10
C ARG A 478 -8.22 -7.96 13.46
N ASP A 479 -6.95 -7.85 13.86
CA ASP A 479 -6.52 -8.49 15.10
C ASP A 479 -6.30 -7.54 16.29
N SER A 480 -6.33 -6.22 16.11
CA SER A 480 -6.10 -5.31 17.24
C SER A 480 -6.56 -3.86 17.04
N ALA A 481 -6.43 -3.06 18.10
CA ALA A 481 -6.83 -1.65 18.09
C ALA A 481 -5.85 -0.72 17.37
N ASP A 482 -4.70 -1.25 16.95
CA ASP A 482 -3.67 -0.46 16.27
C ASP A 482 -4.18 0.44 15.14
N THR A 483 -3.82 1.71 15.19
CA THR A 483 -4.23 2.62 14.15
C THR A 483 -3.28 3.77 13.97
N LEU A 484 -3.36 4.35 12.77
CA LEU A 484 -2.78 5.63 12.44
C LEU A 484 -3.89 6.41 11.74
N ARG A 485 -4.51 7.35 12.45
CA ARG A 485 -5.65 8.13 11.91
C ARG A 485 -5.34 9.61 11.72
N LEU A 486 -5.85 10.15 10.61
CA LEU A 486 -6.02 11.58 10.46
C LEU A 486 -7.52 11.80 10.45
N GLU A 487 -7.99 12.85 11.11
CA GLU A 487 -9.42 13.17 11.13
C GLU A 487 -9.50 14.68 11.30
N LEU A 488 -10.63 15.30 10.96
CA LEU A 488 -10.80 16.69 11.31
C LEU A 488 -11.37 16.66 12.72
N ASP A 489 -10.93 17.59 13.57
CA ASP A 489 -11.47 17.69 14.94
C ASP A 489 -11.57 19.17 15.28
N ALA A 490 -12.79 19.70 15.20
CA ALA A 490 -13.07 21.08 15.58
C ALA A 490 -12.42 22.06 14.61
N GLY A 491 -12.41 21.72 13.32
CA GLY A 491 -11.79 22.56 12.30
C GLY A 491 -10.28 22.37 12.16
N ARG A 492 -9.71 21.44 12.96
CA ARG A 492 -8.28 21.12 12.93
C ARG A 492 -8.07 19.74 12.36
N VAL A 493 -6.85 19.48 11.88
CA VAL A 493 -6.46 18.13 11.49
C VAL A 493 -5.74 17.44 12.67
N LYS A 494 -6.21 16.24 13.01
CA LYS A 494 -5.73 15.50 14.17
C LYS A 494 -5.16 14.11 13.78
N LEU A 495 -3.84 14.00 13.82
CA LEU A 495 -3.14 12.71 13.71
C LEU A 495 -3.21 12.00 15.06
N THR A 496 -3.48 10.71 14.99
CA THR A 496 -3.53 9.87 16.18
C THR A 496 -2.83 8.57 15.85
N VAL A 497 -1.74 8.26 16.57
CA VAL A 497 -1.13 6.94 16.50
C VAL A 497 -1.37 6.20 17.82
N ASN A 498 -1.96 5.01 17.70
CA ASN A 498 -2.32 4.17 18.86
C ASN A 498 -1.88 2.74 18.62
N LEU A 499 -1.10 2.20 19.55
CA LEU A 499 -0.59 0.85 19.46
C LEU A 499 -1.04 0.06 20.68
N ASP A 500 -1.84 -1.00 20.44
CA ASP A 500 -2.42 -1.84 21.50
C ASP A 500 -1.38 -2.22 22.56
N CYS A 501 -1.85 -2.43 23.79
CA CYS A 501 -0.95 -2.74 24.90
C CYS A 501 -0.58 -4.24 24.91
N ILE A 502 -0.09 -4.74 26.06
CA ILE A 502 0.26 -6.17 26.28
C ILE A 502 1.71 -6.47 25.83
N LYS A 510 1.37 4.62 27.71
CA LYS A 510 0.11 4.78 28.44
C LYS A 510 -0.96 5.43 27.54
N GLY A 511 -1.45 4.67 26.57
CA GLY A 511 -2.54 5.14 25.70
C GLY A 511 -2.05 5.80 24.43
N PRO A 512 -2.98 6.36 23.63
CA PRO A 512 -2.73 6.92 22.28
C PRO A 512 -2.01 8.26 22.28
N GLU A 513 -1.18 8.48 21.26
CA GLU A 513 -0.38 9.69 21.14
C GLU A 513 -0.96 10.54 20.02
N THR A 514 -1.28 11.81 20.32
CA THR A 514 -1.93 12.72 19.34
C THR A 514 -1.10 13.94 18.96
N LEU A 515 -1.30 14.39 17.73
CA LEU A 515 -0.66 15.60 17.19
C LEU A 515 -1.66 16.41 16.35
N PHE A 516 -1.75 17.72 16.61
CA PHE A 516 -2.70 18.58 15.91
C PHE A 516 -2.01 19.59 14.97
N ALA A 517 -2.72 19.99 13.91
CA ALA A 517 -2.24 21.02 12.98
C ALA A 517 -3.38 21.84 12.36
N GLY A 518 -3.19 23.16 12.33
CA GLY A 518 -4.00 24.06 11.50
C GLY A 518 -5.38 24.35 12.05
N TYR A 519 -6.11 25.24 11.38
CA TYR A 519 -7.39 25.72 11.86
C TYR A 519 -8.31 26.32 10.78
N ASN A 520 -9.60 26.40 11.11
CA ASN A 520 -10.63 26.86 10.19
C ASN A 520 -10.45 26.26 8.82
N LEU A 521 -10.31 24.94 8.78
CA LEU A 521 -10.00 24.20 7.56
C LEU A 521 -11.26 23.70 6.87
N ASN A 522 -12.39 23.70 7.58
CA ASN A 522 -13.67 23.41 6.94
C ASN A 522 -14.17 24.66 6.22
N ASP A 523 -13.42 25.11 5.22
CA ASP A 523 -13.83 26.26 4.43
C ASP A 523 -14.23 25.82 3.03
N ASN A 524 -14.23 24.51 2.79
CA ASN A 524 -14.51 23.92 1.48
C ASN A 524 -13.54 24.34 0.36
N GLU A 525 -12.37 24.84 0.73
CA GLU A 525 -11.24 24.94 -0.19
C GLU A 525 -10.41 23.69 0.08
N TRP A 526 -9.60 23.26 -0.88
CA TRP A 526 -8.78 22.08 -0.68
C TRP A 526 -7.73 22.36 0.36
N HIS A 527 -7.35 21.33 1.10
CA HIS A 527 -6.11 21.34 1.90
C HIS A 527 -5.31 20.07 1.73
N THR A 528 -4.04 20.14 2.08
CA THR A 528 -3.08 19.05 1.90
C THR A 528 -2.45 18.69 3.23
N VAL A 529 -2.64 17.46 3.67
CA VAL A 529 -2.12 16.98 4.95
C VAL A 529 -0.87 16.16 4.66
N ARG A 530 0.18 16.33 5.46
CA ARG A 530 1.41 15.53 5.27
C ARG A 530 1.91 14.97 6.58
N VAL A 531 1.99 13.63 6.64
CA VAL A 531 2.45 12.92 7.82
C VAL A 531 3.76 12.23 7.51
N VAL A 532 4.71 12.35 8.43
CA VAL A 532 5.94 11.59 8.40
C VAL A 532 6.18 11.01 9.79
N ARG A 533 6.26 9.67 9.88
CA ARG A 533 6.59 8.99 11.13
C ARG A 533 7.90 8.25 10.95
N ARG A 534 8.76 8.27 11.97
CA ARG A 534 10.02 7.53 11.94
C ARG A 534 10.28 6.95 13.32
N GLY A 535 9.58 5.87 13.65
CA GLY A 535 9.64 5.28 14.99
C GLY A 535 8.85 6.12 15.98
N LYS A 536 9.49 6.55 17.05
CA LYS A 536 8.84 7.41 18.05
C LYS A 536 8.57 8.82 17.51
N SER A 537 9.15 9.19 16.37
CA SER A 537 9.04 10.55 15.89
C SER A 537 7.82 10.75 15.00
N LEU A 538 6.99 11.71 15.39
CA LEU A 538 5.84 12.14 14.61
C LEU A 538 6.03 13.57 14.10
N LYS A 539 5.48 13.83 12.90
CA LYS A 539 5.57 15.12 12.23
C LYS A 539 4.38 15.31 11.27
N LEU A 540 3.79 16.50 11.30
CA LEU A 540 2.50 16.76 10.65
C LEU A 540 2.52 18.17 10.07
N THR A 541 2.21 18.33 8.79
CA THR A 541 2.20 19.65 8.17
C THR A 541 0.93 19.85 7.36
N VAL A 542 0.21 20.93 7.58
CA VAL A 542 -0.97 21.21 6.78
C VAL A 542 -0.65 22.32 5.81
N ASP A 543 -0.97 22.10 4.54
CA ASP A 543 -0.65 23.06 3.48
C ASP A 543 0.83 23.41 3.58
N ASP A 544 1.19 24.68 3.49
CA ASP A 544 2.59 25.06 3.66
C ASP A 544 2.78 25.92 4.91
N GLN A 545 2.14 25.49 6.00
CA GLN A 545 2.40 26.07 7.31
C GLN A 545 3.57 25.35 7.96
N GLN A 546 3.85 25.73 9.20
CA GLN A 546 4.97 25.19 9.97
C GLN A 546 4.69 23.79 10.46
N ALA A 547 5.62 22.87 10.25
CA ALA A 547 5.42 21.46 10.61
C ALA A 547 5.28 21.30 12.11
N MET A 548 4.35 20.47 12.55
CA MET A 548 4.18 20.16 13.96
C MET A 548 4.86 18.83 14.29
N THR A 549 5.68 18.83 15.34
CA THR A 549 6.41 17.63 15.73
C THR A 549 5.92 17.08 17.07
N GLY A 550 6.27 15.81 17.31
CA GLY A 550 5.95 15.13 18.54
C GLY A 550 6.80 13.90 18.66
N GLN A 551 7.11 13.51 19.89
CA GLN A 551 7.96 12.35 20.16
C GLN A 551 7.15 11.43 21.06
N MET A 552 6.62 10.34 20.49
CA MET A 552 5.86 9.35 21.25
C MET A 552 6.67 8.84 22.44
N ALA A 553 6.03 8.74 23.59
CA ALA A 553 6.60 7.99 24.72
C ALA A 553 6.23 6.53 24.49
N GLY A 554 6.75 5.64 25.32
CA GLY A 554 6.52 4.21 25.13
C GLY A 554 7.54 3.65 24.16
N ASP A 555 8.08 2.48 24.47
CA ASP A 555 9.21 1.95 23.73
C ASP A 555 8.82 1.24 22.43
N HIS A 556 7.65 0.61 22.40
CA HIS A 556 7.18 -0.09 21.21
C HIS A 556 6.92 0.92 20.10
N THR A 557 7.17 0.55 18.84
CA THR A 557 6.98 1.48 17.69
C THR A 557 6.35 0.84 16.44
N ARG A 558 5.97 -0.43 16.53
CA ARG A 558 5.59 -1.22 15.36
C ARG A 558 4.08 -1.30 15.19
N LEU A 559 3.63 -1.06 13.95
CA LEU A 559 2.21 -0.87 13.63
C LEU A 559 1.69 -1.96 12.70
N GLU A 560 0.77 -2.80 13.20
CA GLU A 560 0.12 -3.84 12.38
C GLU A 560 -1.10 -3.26 11.68
N PHE A 561 -1.29 -3.56 10.39
CA PHE A 561 -2.53 -3.17 9.69
C PHE A 561 -2.87 -4.00 8.45
N HIS A 562 -4.13 -4.45 8.39
CA HIS A 562 -4.64 -5.26 7.29
C HIS A 562 -5.22 -4.43 6.16
N ASN A 563 -5.76 -3.25 6.48
CA ASN A 563 -6.39 -2.40 5.48
C ASN A 563 -6.27 -0.90 5.77
N ILE A 564 -6.38 -0.11 4.70
CA ILE A 564 -6.31 1.36 4.77
C ILE A 564 -7.67 1.96 4.39
N GLU A 565 -8.31 2.69 5.31
CA GLU A 565 -9.70 3.03 5.10
C GLU A 565 -9.91 4.52 4.95
N THR A 566 -10.95 4.88 4.21
CA THR A 566 -11.41 6.26 4.10
C THR A 566 -12.94 6.26 4.17
N GLY A 567 -13.51 7.45 4.40
CA GLY A 567 -14.97 7.60 4.39
C GLY A 567 -15.63 7.02 5.63
N ILE A 568 -15.55 5.70 5.78
CA ILE A 568 -15.96 5.03 7.02
C ILE A 568 -14.83 4.14 7.55
N ILE A 569 -14.71 4.07 8.87
CA ILE A 569 -13.82 3.08 9.51
C ILE A 569 -14.64 1.81 9.69
N THR A 570 -14.63 0.95 8.68
CA THR A 570 -15.42 -0.29 8.76
C THR A 570 -14.83 -1.29 9.76
N GLU A 571 -13.51 -1.44 9.78
CA GLU A 571 -12.87 -2.47 10.65
C GLU A 571 -12.51 -1.94 12.05
N ARG A 572 -13.35 -2.30 13.02
CA ARG A 572 -13.32 -1.68 14.33
C ARG A 572 -13.90 -2.61 15.42
N ARG A 573 -13.63 -3.92 15.30
CA ARG A 573 -14.11 -4.90 16.26
C ARG A 573 -13.98 -4.41 17.70
N TYR A 574 -12.79 -3.89 18.04
CA TYR A 574 -12.41 -3.69 19.42
C TYR A 574 -12.72 -2.29 19.92
N LEU A 575 -12.68 -1.29 19.03
CA LEU A 575 -13.18 0.04 19.39
C LEU A 575 -14.70 -0.04 19.59
N SER A 576 -15.25 0.76 20.51
CA SER A 576 -16.69 0.79 20.73
C SER A 576 -17.26 2.11 20.26
N SER A 577 -16.41 2.92 19.66
CA SER A 577 -16.73 4.28 19.30
C SER A 577 -15.66 4.82 18.34
N VAL A 578 -16.06 5.66 17.42
CA VAL A 578 -15.26 5.92 16.26
C VAL A 578 -15.52 7.32 15.71
N PRO A 579 -14.51 7.92 15.08
CA PRO A 579 -14.75 9.20 14.43
C PRO A 579 -15.90 9.15 13.44
N SER A 580 -16.55 10.28 13.24
CA SER A 580 -17.67 10.33 12.35
C SER A 580 -17.28 10.08 10.88
N ASN A 581 -18.24 9.60 10.12
CA ASN A 581 -18.08 9.40 8.70
C ASN A 581 -17.77 10.72 8.02
N PHE A 582 -17.25 10.66 6.81
CA PHE A 582 -16.75 11.83 6.08
C PHE A 582 -17.76 12.33 5.08
N ILE A 583 -17.89 13.65 5.00
CA ILE A 583 -18.64 14.30 3.94
C ILE A 583 -17.71 15.29 3.21
N GLY A 584 -17.39 14.97 1.96
CA GLY A 584 -16.43 15.80 1.24
C GLY A 584 -15.75 15.10 0.09
N HIS A 585 -14.52 15.51 -0.21
CA HIS A 585 -13.73 14.93 -1.31
C HIS A 585 -12.28 14.72 -0.95
N LEU A 586 -11.73 13.59 -1.40
CA LEU A 586 -10.32 13.31 -1.17
C LEU A 586 -9.61 13.27 -2.54
N GLN A 587 -8.29 13.43 -2.49
CA GLN A 587 -7.48 13.39 -3.68
C GLN A 587 -6.04 13.03 -3.33
N SER A 588 -5.41 12.26 -4.21
CA SER A 588 -3.98 11.94 -4.11
C SER A 588 -3.58 11.41 -2.75
N LEU A 589 -4.39 10.48 -2.22
CA LEU A 589 -3.97 9.68 -1.07
C LEU A 589 -2.76 8.90 -1.51
N THR A 590 -1.72 9.02 -0.71
CA THR A 590 -0.44 8.42 -1.05
C THR A 590 0.10 7.84 0.22
N PHE A 591 0.34 6.53 0.18
CA PHE A 591 0.82 5.80 1.34
C PHE A 591 2.10 5.05 0.95
N ASN A 592 3.23 5.52 1.49
CA ASN A 592 4.49 4.87 1.24
C ASN A 592 4.65 4.67 -0.26
N GLY A 593 4.40 5.75 -1.01
CA GLY A 593 4.63 5.75 -2.46
C GLY A 593 3.44 5.35 -3.29
N MET A 594 2.47 4.68 -2.66
CA MET A 594 1.29 4.16 -3.34
C MET A 594 0.15 5.20 -3.41
N ALA A 595 -0.30 5.49 -4.64
CA ALA A 595 -1.35 6.49 -4.90
C ALA A 595 -2.70 5.78 -4.97
N TYR A 596 -3.24 5.38 -3.82
CA TYR A 596 -4.30 4.36 -3.84
C TYR A 596 -5.57 4.74 -4.63
N ILE A 597 -6.03 5.97 -4.52
CA ILE A 597 -7.26 6.35 -5.24
C ILE A 597 -7.07 6.10 -6.71
N ASP A 598 -5.94 6.57 -7.22
CA ASP A 598 -5.62 6.51 -8.64
C ASP A 598 -5.44 5.07 -9.12
N LEU A 599 -4.83 4.25 -8.27
CA LEU A 599 -4.63 2.81 -8.56
C LEU A 599 -5.95 2.02 -8.56
N CYS A 600 -6.89 2.44 -7.71
CA CYS A 600 -8.21 1.83 -7.65
C CYS A 600 -9.04 2.12 -8.89
N LYS A 601 -9.23 3.40 -9.20
CA LYS A 601 -9.99 3.80 -10.37
C LYS A 601 -9.47 3.14 -11.64
N ASN A 602 -8.14 3.13 -11.83
CA ASN A 602 -7.57 2.61 -13.10
C ASN A 602 -7.52 1.08 -13.14
N GLY A 603 -7.82 0.44 -12.02
CA GLY A 603 -7.96 -1.01 -11.95
C GLY A 603 -6.62 -1.71 -11.92
N ASP A 604 -5.61 -1.01 -11.42
CA ASP A 604 -4.26 -1.55 -11.35
C ASP A 604 -4.14 -2.54 -10.17
N ILE A 605 -5.13 -2.55 -9.27
CA ILE A 605 -5.12 -3.44 -8.10
C ILE A 605 -6.46 -4.17 -7.92
N ASP A 606 -6.43 -5.44 -7.48
CA ASP A 606 -7.67 -6.22 -7.25
C ASP A 606 -8.41 -5.79 -6.01
N TYR A 607 -7.68 -5.34 -5.00
CA TYR A 607 -8.11 -5.45 -3.61
C TYR A 607 -8.74 -4.18 -3.10
N CYS A 608 -9.61 -3.63 -3.94
CA CYS A 608 -10.19 -2.32 -3.72
C CYS A 608 -11.64 -2.52 -3.46
N GLU A 609 -12.19 -1.82 -2.48
CA GLU A 609 -13.59 -1.96 -2.15
C GLU A 609 -14.17 -0.61 -1.72
N LEU A 610 -15.25 -0.19 -2.38
CA LEU A 610 -15.84 1.13 -2.20
C LEU A 610 -17.31 1.19 -2.59
N ASN A 611 -18.05 2.07 -1.92
CA ASN A 611 -19.34 2.57 -2.41
C ASN A 611 -19.31 4.11 -2.51
N ALA A 612 -18.10 4.67 -2.60
CA ALA A 612 -17.94 6.08 -2.92
C ALA A 612 -17.91 6.21 -4.44
N ARG A 613 -17.89 7.45 -4.91
CA ARG A 613 -17.99 7.73 -6.35
C ARG A 613 -16.85 8.61 -6.84
N PHE A 614 -16.41 8.35 -8.07
CA PHE A 614 -15.26 9.06 -8.62
C PHE A 614 -15.70 10.41 -9.21
N GLY A 615 -14.91 11.46 -8.98
CA GLY A 615 -15.17 12.77 -9.60
C GLY A 615 -15.95 13.72 -8.73
N PHE A 616 -15.70 15.01 -8.89
CA PHE A 616 -16.31 16.02 -8.02
C PHE A 616 -17.80 16.19 -8.30
N ARG A 617 -18.59 16.35 -7.24
CA ARG A 617 -20.02 16.63 -7.37
C ARG A 617 -20.49 17.36 -6.11
N ASN A 618 -21.28 18.40 -6.27
CA ASN A 618 -21.84 19.10 -5.12
C ASN A 618 -22.66 18.11 -4.30
N ILE A 619 -22.20 17.81 -3.09
CA ILE A 619 -22.78 16.73 -2.27
C ILE A 619 -24.01 17.20 -1.55
N ILE A 620 -25.04 16.36 -1.49
CA ILE A 620 -26.23 16.62 -0.68
C ILE A 620 -26.59 15.37 0.11
N ALA A 621 -26.22 15.39 1.39
CA ALA A 621 -26.19 14.21 2.26
C ALA A 621 -27.52 13.92 2.95
N ASP A 622 -28.17 12.84 2.53
CA ASP A 622 -29.40 12.31 3.13
C ASP A 622 -30.50 13.35 3.33
N PRO A 623 -31.06 13.82 2.20
CA PRO A 623 -32.12 14.81 2.20
C PRO A 623 -33.38 14.30 2.90
N VAL A 624 -34.04 15.14 3.68
CA VAL A 624 -35.27 14.72 4.37
C VAL A 624 -36.32 15.84 4.26
N THR A 625 -37.58 15.44 4.06
CA THR A 625 -38.65 16.39 3.78
C THR A 625 -39.53 16.52 5.00
N PHE A 626 -39.73 17.77 5.42
CA PHE A 626 -40.68 18.11 6.47
C PHE A 626 -41.94 18.62 5.79
N LYS A 627 -43.00 17.80 5.78
CA LYS A 627 -44.13 18.00 4.85
C LYS A 627 -45.05 19.12 5.29
N THR A 628 -45.16 19.32 6.59
CA THR A 628 -45.92 20.40 7.19
C THR A 628 -44.94 21.29 7.88
N LYS A 629 -45.34 22.51 8.22
CA LYS A 629 -44.52 23.32 9.14
C LYS A 629 -44.47 22.61 10.49
N SER A 630 -45.67 22.31 10.99
CA SER A 630 -45.89 21.56 12.23
C SER A 630 -45.23 20.16 12.32
N SER A 631 -44.72 19.65 11.22
CA SER A 631 -43.83 18.50 11.29
C SER A 631 -42.51 18.94 11.91
N TYR A 632 -42.10 18.18 12.94
CA TYR A 632 -40.75 18.23 13.54
C TYR A 632 -40.30 16.86 14.09
N VAL A 633 -39.02 16.75 14.44
CA VAL A 633 -38.47 15.59 15.18
C VAL A 633 -37.58 16.02 16.36
N ALA A 634 -37.64 15.29 17.47
CA ALA A 634 -36.81 15.58 18.65
C ALA A 634 -35.60 14.62 18.75
N LEU A 635 -34.39 15.18 18.76
CA LEU A 635 -33.16 14.41 18.92
C LEU A 635 -32.62 14.55 20.34
N ALA A 636 -31.59 13.78 20.69
CA ALA A 636 -30.94 13.91 21.99
C ALA A 636 -30.21 15.25 22.04
N THR A 637 -30.09 15.81 23.24
CA THR A 637 -29.49 17.13 23.47
C THR A 637 -28.17 17.31 22.74
N LEU A 638 -27.95 18.52 22.22
CA LEU A 638 -26.70 18.93 21.59
C LEU A 638 -25.60 18.78 22.63
N GLN A 639 -24.51 18.10 22.29
CA GLN A 639 -23.39 17.96 23.23
C GLN A 639 -22.58 19.26 23.24
N ALA A 640 -22.62 19.92 24.38
CA ALA A 640 -22.46 21.40 24.67
C ALA A 640 -21.45 22.26 23.84
N TYR A 641 -20.19 22.44 24.24
CA TYR A 641 -19.68 22.19 25.60
C TYR A 641 -18.46 23.13 25.73
N THR A 642 -17.48 22.95 24.84
CA THR A 642 -16.29 23.78 24.75
C THR A 642 -16.43 24.68 23.55
N SER A 643 -16.65 24.05 22.39
CA SER A 643 -16.89 24.76 21.14
C SER A 643 -17.95 24.04 20.34
N MET A 644 -18.58 24.77 19.43
CA MET A 644 -19.74 24.28 18.73
C MET A 644 -19.54 24.43 17.23
N HIS A 645 -19.77 23.36 16.47
CA HIS A 645 -19.74 23.40 15.01
C HIS A 645 -20.98 22.76 14.44
N LEU A 646 -21.98 23.60 14.16
CA LEU A 646 -23.21 23.18 13.48
C LEU A 646 -23.13 23.45 11.99
N PHE A 647 -23.51 22.43 11.21
CA PHE A 647 -23.70 22.57 9.77
C PHE A 647 -24.90 21.81 9.24
N PHE A 648 -25.53 22.43 8.25
CA PHE A 648 -26.66 21.85 7.56
C PHE A 648 -26.97 22.62 6.28
N GLN A 649 -27.86 22.06 5.47
CA GLN A 649 -28.34 22.73 4.31
C GLN A 649 -29.84 22.58 4.21
N PHE A 650 -30.47 23.45 3.44
CA PHE A 650 -31.92 23.48 3.38
C PHE A 650 -32.50 24.07 2.11
N LYS A 651 -33.67 23.55 1.74
CA LYS A 651 -34.39 23.94 0.57
C LYS A 651 -35.85 24.30 0.99
N THR A 652 -36.40 25.42 0.53
CA THR A 652 -37.72 25.85 0.99
C THR A 652 -38.38 26.91 0.11
N THR A 653 -39.71 26.82 -0.03
CA THR A 653 -40.53 27.84 -0.67
C THR A 653 -41.11 28.84 0.33
N SER A 654 -41.11 28.48 1.62
CA SER A 654 -41.76 29.27 2.67
C SER A 654 -40.76 30.24 3.28
N LEU A 655 -41.14 31.50 3.49
CA LEU A 655 -40.17 32.47 4.03
C LEU A 655 -40.13 32.65 5.54
N ASP A 656 -40.97 31.95 6.31
CA ASP A 656 -40.89 31.98 7.79
C ASP A 656 -41.05 30.59 8.40
N GLY A 657 -40.06 30.17 9.20
CA GLY A 657 -40.16 28.94 10.02
C GLY A 657 -38.98 28.66 10.94
N LEU A 658 -39.23 28.03 12.09
CA LEU A 658 -38.19 27.58 13.05
C LEU A 658 -37.56 26.23 12.71
N ILE A 659 -36.25 26.23 12.56
CA ILE A 659 -35.48 25.10 12.08
C ILE A 659 -34.82 24.36 13.19
N LEU A 660 -34.39 25.04 14.25
CA LEU A 660 -33.64 24.38 15.32
C LEU A 660 -33.90 24.98 16.72
N TYR A 661 -34.10 24.14 17.74
CA TYR A 661 -34.29 24.66 19.09
C TYR A 661 -33.84 23.71 20.17
N ASN A 662 -33.21 24.28 21.20
CA ASN A 662 -32.69 23.54 22.35
C ASN A 662 -32.44 24.52 23.49
N SER A 663 -32.95 24.22 24.68
CA SER A 663 -32.78 25.14 25.83
C SER A 663 -31.98 24.52 26.96
N GLY A 664 -31.62 25.35 27.93
CA GLY A 664 -30.83 24.90 29.09
C GLY A 664 -31.38 25.39 30.43
N ASP A 665 -30.49 25.56 31.39
CA ASP A 665 -30.89 26.14 32.67
C ASP A 665 -31.05 27.64 32.53
N GLY A 666 -32.03 28.21 33.24
CA GLY A 666 -32.29 29.65 33.21
C GLY A 666 -32.69 30.14 31.84
N ASN A 667 -32.12 31.24 31.41
CA ASN A 667 -32.38 31.77 30.09
C ASN A 667 -31.55 31.15 28.95
N ASP A 668 -30.67 30.20 29.27
CA ASP A 668 -29.87 29.49 28.26
C ASP A 668 -30.69 28.86 27.12
N PHE A 669 -30.35 29.21 25.89
CA PHE A 669 -30.93 28.58 24.72
C PHE A 669 -30.15 28.86 23.46
N ILE A 670 -30.51 28.12 22.41
CA ILE A 670 -29.98 28.31 21.07
C ILE A 670 -31.08 28.02 20.04
N VAL A 671 -31.15 28.83 18.99
CA VAL A 671 -32.22 28.69 18.00
C VAL A 671 -31.73 29.10 16.63
N VAL A 672 -32.22 28.40 15.62
CA VAL A 672 -32.05 28.83 14.25
C VAL A 672 -33.42 28.87 13.64
N GLU A 673 -33.74 29.99 12.98
CA GLU A 673 -35.03 30.17 12.33
C GLU A 673 -34.87 30.92 11.01
N LEU A 674 -35.87 30.77 10.14
CA LEU A 674 -35.97 31.58 8.95
C LEU A 674 -37.02 32.70 9.18
N VAL A 675 -36.64 33.94 8.91
CA VAL A 675 -37.51 35.09 9.14
C VAL A 675 -37.47 35.97 7.92
N LYS A 676 -38.64 36.30 7.37
CA LYS A 676 -38.71 36.99 6.09
C LYS A 676 -37.65 36.50 5.07
N GLY A 677 -37.43 35.20 5.01
CA GLY A 677 -36.49 34.62 4.04
C GLY A 677 -35.01 34.67 4.39
N TYR A 678 -34.65 35.46 5.41
CA TYR A 678 -33.27 35.57 5.87
C TYR A 678 -33.07 34.68 7.09
N LEU A 679 -31.87 34.09 7.17
CA LEU A 679 -31.51 33.11 8.21
C LEU A 679 -30.99 33.74 9.49
N HIS A 680 -31.72 33.54 10.58
CA HIS A 680 -31.37 34.11 11.85
C HIS A 680 -30.81 33.04 12.79
N TYR A 681 -29.65 33.34 13.37
CA TYR A 681 -29.09 32.59 14.50
C TYR A 681 -29.34 33.35 15.80
N VAL A 682 -29.96 32.72 16.79
CA VAL A 682 -30.35 33.44 18.01
C VAL A 682 -30.03 32.63 19.23
N PHE A 683 -29.53 33.29 20.27
CA PHE A 683 -29.05 32.57 21.44
C PHE A 683 -28.84 33.41 22.69
N ASP A 684 -28.77 32.75 23.83
CA ASP A 684 -28.36 33.37 25.10
C ASP A 684 -27.47 32.39 25.84
N LEU A 685 -26.25 32.82 26.14
CA LEU A 685 -25.30 31.98 26.86
C LEU A 685 -24.91 32.65 28.15
N GLY A 686 -25.90 33.26 28.82
CA GLY A 686 -25.69 33.89 30.12
C GLY A 686 -25.51 35.39 30.12
N ASN A 687 -25.27 35.98 28.96
CA ASN A 687 -25.14 37.44 28.84
C ASN A 687 -26.47 38.03 28.42
N GLY A 688 -27.33 37.19 27.86
CA GLY A 688 -28.63 37.63 27.37
C GLY A 688 -28.80 37.28 25.91
N ALA A 689 -29.95 37.66 25.37
CA ALA A 689 -30.40 37.19 24.07
C ALA A 689 -29.74 37.93 22.93
N ASN A 690 -29.25 37.21 21.94
CA ASN A 690 -28.50 37.77 20.83
C ASN A 690 -28.90 37.23 19.47
N LEU A 691 -28.58 38.01 18.44
CA LEU A 691 -29.06 37.75 17.08
C LEU A 691 -27.98 38.08 16.06
N ILE A 692 -27.56 37.08 15.29
CA ILE A 692 -26.66 37.31 14.17
C ILE A 692 -27.49 36.97 12.95
N LYS A 693 -27.54 37.87 11.98
CA LYS A 693 -28.25 37.61 10.70
C LYS A 693 -27.28 37.04 9.72
N GLY A 694 -27.70 36.00 9.01
CA GLY A 694 -26.90 35.40 7.90
C GLY A 694 -26.80 36.33 6.71
N SER A 695 -25.63 36.37 6.08
CA SER A 695 -25.43 37.34 5.01
C SER A 695 -25.86 36.80 3.64
N SER A 696 -27.03 37.23 3.18
CA SER A 696 -27.41 37.10 1.77
C SER A 696 -28.18 38.35 1.37
N ASN A 697 -28.15 38.65 0.08
CA ASN A 697 -28.94 39.74 -0.49
C ASN A 697 -30.38 39.30 -0.73
N LYS A 698 -30.56 38.18 -1.42
CA LYS A 698 -31.91 37.66 -1.71
C LYS A 698 -32.50 36.92 -0.52
N PRO A 699 -33.83 36.90 -0.41
CA PRO A 699 -34.41 35.98 0.54
C PRO A 699 -34.06 34.58 0.06
N LEU A 700 -33.97 33.63 0.99
CA LEU A 700 -33.46 32.30 0.69
C LEU A 700 -34.55 31.27 0.42
N ASN A 701 -35.82 31.71 0.42
CA ASN A 701 -36.91 30.78 0.16
C ASN A 701 -37.14 30.68 -1.32
N ASP A 702 -36.03 30.48 -2.05
CA ASP A 702 -36.00 30.49 -3.51
C ASP A 702 -36.01 29.07 -4.09
N ASN A 703 -36.40 28.09 -3.26
CA ASN A 703 -36.44 26.67 -3.62
C ASN A 703 -35.12 26.11 -4.17
N GLN A 704 -34.02 26.77 -3.85
CA GLN A 704 -32.68 26.23 -4.11
C GLN A 704 -32.08 25.75 -2.78
N TRP A 705 -31.02 24.96 -2.88
CA TRP A 705 -30.34 24.43 -1.71
C TRP A 705 -29.37 25.45 -1.17
N HIS A 706 -29.39 25.71 0.15
CA HIS A 706 -28.38 26.60 0.74
C HIS A 706 -27.57 25.90 1.81
N ASN A 707 -26.28 26.26 1.92
CA ASN A 707 -25.40 25.87 3.02
C ASN A 707 -25.40 26.89 4.17
N VAL A 708 -25.47 26.38 5.39
CA VAL A 708 -25.51 27.20 6.58
C VAL A 708 -24.55 26.59 7.58
N MET A 709 -23.66 27.39 8.12
CA MET A 709 -22.73 26.90 9.12
C MET A 709 -22.59 27.90 10.28
N ILE A 710 -22.95 27.45 11.48
CA ILE A 710 -22.90 28.26 12.68
C ILE A 710 -21.78 27.66 13.55
N SER A 711 -20.94 28.50 14.14
CA SER A 711 -19.92 28.00 15.04
C SER A 711 -19.50 29.03 16.08
N ARG A 712 -19.04 28.52 17.22
CA ARG A 712 -18.60 29.32 18.34
C ARG A 712 -17.36 28.63 18.87
N ASP A 713 -16.19 29.25 18.69
CA ASP A 713 -14.95 28.65 19.15
C ASP A 713 -14.70 28.99 20.60
N THR A 714 -13.64 28.43 21.17
CA THR A 714 -13.39 28.58 22.59
C THR A 714 -12.89 29.96 22.94
N SER A 715 -12.62 30.78 21.91
CA SER A 715 -12.36 32.22 22.11
C SER A 715 -13.66 33.03 21.99
N ASN A 716 -14.80 32.36 22.01
CA ASN A 716 -16.11 33.03 21.99
C ASN A 716 -16.42 33.86 20.72
N LEU A 717 -15.75 33.50 19.62
CA LEU A 717 -15.98 34.11 18.32
C LEU A 717 -17.03 33.31 17.53
N HIS A 718 -18.18 33.94 17.30
CA HIS A 718 -19.29 33.32 16.59
C HIS A 718 -19.16 33.56 15.10
N THR A 719 -19.38 32.51 14.31
CA THR A 719 -19.35 32.59 12.87
C THR A 719 -20.66 32.07 12.32
N VAL A 720 -21.33 32.87 11.51
CA VAL A 720 -22.44 32.39 10.68
C VAL A 720 -21.97 32.47 9.23
N LYS A 721 -22.02 31.36 8.51
CA LYS A 721 -21.74 31.35 7.07
C LYS A 721 -23.02 31.03 6.36
N ILE A 722 -23.29 31.70 5.26
CA ILE A 722 -24.38 31.33 4.37
C ILE A 722 -24.00 31.22 2.92
N ASP A 723 -23.97 30.01 2.41
CA ASP A 723 -23.43 29.74 1.07
C ASP A 723 -21.96 30.25 1.13
N THR A 724 -21.59 31.28 0.38
CA THR A 724 -20.16 31.73 0.36
C THR A 724 -19.68 32.81 1.34
N LYS A 725 -20.59 33.37 2.14
CA LYS A 725 -20.32 34.62 2.88
C LYS A 725 -20.31 34.49 4.42
N ILE A 726 -19.15 34.72 5.05
CA ILE A 726 -19.10 34.68 6.50
C ILE A 726 -19.52 36.01 7.14
N THR A 727 -20.04 35.89 8.35
CA THR A 727 -20.23 36.98 9.27
C THR A 727 -19.66 36.42 10.55
N THR A 728 -18.78 37.17 11.18
CA THR A 728 -18.21 36.74 12.43
C THR A 728 -18.52 37.78 13.46
N GLN A 729 -18.57 37.37 14.72
CA GLN A 729 -18.84 38.31 15.81
C GLN A 729 -18.27 37.80 17.12
N ILE A 730 -18.00 38.72 18.04
CA ILE A 730 -17.55 38.38 19.40
C ILE A 730 -18.72 38.35 20.35
N THR A 731 -18.61 37.56 21.41
CA THR A 731 -19.66 37.48 22.43
C THR A 731 -19.00 37.42 23.80
N ALA A 732 -19.77 37.67 24.85
CA ALA A 732 -19.18 37.78 26.19
C ALA A 732 -18.63 36.44 26.66
N GLY A 733 -17.60 36.51 27.51
CA GLY A 733 -16.90 35.33 28.01
C GLY A 733 -17.64 34.69 29.17
N ALA A 734 -18.65 33.89 28.84
CA ALA A 734 -19.38 33.09 29.82
C ALA A 734 -19.03 31.61 29.63
N ARG A 735 -18.76 30.93 30.74
CA ARG A 735 -18.42 29.50 30.71
C ARG A 735 -19.59 28.87 29.96
N ASN A 736 -19.32 28.43 28.73
CA ASN A 736 -20.24 27.58 27.94
C ASN A 736 -20.73 26.38 28.78
N LEU A 737 -22.06 26.20 28.81
CA LEU A 737 -22.70 25.31 29.79
C LEU A 737 -23.54 24.23 29.10
N ASP A 738 -23.78 23.14 29.84
CA ASP A 738 -24.63 22.03 29.40
C ASP A 738 -26.01 22.56 28.97
N LEU A 739 -26.51 22.07 27.84
CA LEU A 739 -27.91 22.25 27.49
C LEU A 739 -28.71 21.09 28.13
N LYS A 740 -30.04 21.24 28.21
CA LYS A 740 -30.90 20.32 28.98
C LYS A 740 -32.00 19.61 28.17
N SER A 741 -32.77 20.38 27.40
CA SER A 741 -33.93 19.85 26.70
C SER A 741 -33.55 19.00 25.51
N ASP A 742 -34.52 18.26 24.99
CA ASP A 742 -34.32 17.54 23.76
C ASP A 742 -33.96 18.56 22.71
N LEU A 743 -33.33 18.11 21.63
CA LEU A 743 -32.99 19.00 20.51
C LEU A 743 -34.09 18.92 19.47
N TYR A 744 -34.78 20.03 19.22
CA TYR A 744 -35.87 20.07 18.24
C TYR A 744 -35.38 20.60 16.89
N ILE A 745 -35.74 19.87 15.83
CA ILE A 745 -35.41 20.25 14.45
C ILE A 745 -36.68 20.26 13.58
N GLY A 746 -36.87 21.37 12.86
CA GLY A 746 -38.05 21.53 11.97
C GLY A 746 -39.30 22.07 12.65
N GLY A 747 -39.19 22.33 13.95
CA GLY A 747 -40.28 22.90 14.69
C GLY A 747 -40.21 22.49 16.13
N VAL A 748 -41.21 22.92 16.88
CA VAL A 748 -41.40 22.50 18.25
C VAL A 748 -42.87 22.21 18.44
N ALA A 749 -43.21 21.75 19.63
CA ALA A 749 -44.60 21.56 20.01
C ALA A 749 -45.42 22.84 19.77
N LYS A 750 -46.70 22.67 19.51
CA LYS A 750 -47.58 23.76 19.14
C LYS A 750 -47.73 24.83 20.23
N GLU A 751 -47.88 24.39 21.48
CA GLU A 751 -48.05 25.32 22.60
C GLU A 751 -46.77 26.06 22.99
N THR A 752 -45.62 25.50 22.60
CA THR A 752 -44.31 26.09 22.85
C THR A 752 -44.04 27.44 22.13
N TYR A 753 -44.61 27.63 20.94
CA TYR A 753 -44.42 28.89 20.21
C TYR A 753 -44.97 30.10 20.99
N LYS A 754 -46.03 29.91 21.75
CA LYS A 754 -46.58 31.00 22.58
C LYS A 754 -45.58 31.58 23.63
N SER A 755 -44.52 30.84 23.97
CA SER A 755 -43.62 31.23 25.04
C SER A 755 -42.14 30.91 24.74
N LEU A 756 -41.72 31.13 23.50
CA LEU A 756 -40.31 31.06 23.08
C LEU A 756 -39.63 32.36 23.48
N PRO A 757 -38.29 32.39 23.53
CA PRO A 757 -37.63 33.64 23.90
C PRO A 757 -38.07 34.82 23.04
N LYS A 758 -38.43 35.93 23.70
CA LYS A 758 -38.55 37.19 23.00
C LYS A 758 -37.18 37.40 22.34
N LEU A 759 -37.25 37.85 21.10
CA LEU A 759 -36.13 38.02 20.16
C LEU A 759 -36.07 36.86 19.21
N VAL A 760 -36.93 35.85 19.41
CA VAL A 760 -37.12 34.83 18.39
C VAL A 760 -38.49 35.19 17.82
N HIS A 761 -38.59 35.14 16.49
CA HIS A 761 -39.79 35.59 15.76
C HIS A 761 -40.85 34.49 15.54
N ALA A 762 -40.38 33.26 15.34
CA ALA A 762 -41.18 32.21 14.72
C ALA A 762 -42.43 31.85 15.50
N LYS A 763 -43.50 31.61 14.76
CA LYS A 763 -44.73 31.16 15.38
C LYS A 763 -45.26 29.90 14.68
N GLU A 764 -44.37 29.23 13.95
CA GLU A 764 -44.74 28.15 13.07
C GLU A 764 -43.47 27.48 12.59
N GLY A 765 -43.56 26.18 12.30
CA GLY A 765 -42.37 25.38 12.10
C GLY A 765 -41.79 25.47 10.71
N PHE A 766 -40.62 24.86 10.52
CA PHE A 766 -40.04 24.73 9.20
C PHE A 766 -40.77 23.67 8.37
N GLN A 767 -40.87 23.99 7.11
CA GLN A 767 -41.45 23.12 6.09
C GLN A 767 -40.57 23.16 4.86
N GLY A 768 -40.08 22.02 4.44
CA GLY A 768 -39.20 21.96 3.30
C GLY A 768 -38.19 20.87 3.51
N CYS A 769 -37.02 21.00 2.89
CA CYS A 769 -36.00 20.00 3.01
C CYS A 769 -34.82 20.44 3.84
N LEU A 770 -34.20 19.45 4.49
CA LEU A 770 -32.98 19.62 5.28
C LEU A 770 -32.05 18.47 4.94
N ALA A 771 -30.76 18.79 4.88
CA ALA A 771 -29.77 17.85 4.39
C ALA A 771 -28.45 18.15 5.07
N SER A 772 -27.60 17.13 5.15
CA SER A 772 -26.22 17.24 5.64
C SER A 772 -26.17 17.79 7.07
N VAL A 773 -27.14 17.43 7.91
CA VAL A 773 -27.15 17.93 9.26
C VAL A 773 -25.95 17.33 10.03
N ASP A 774 -25.11 18.23 10.55
CA ASP A 774 -24.01 17.89 11.45
C ASP A 774 -24.22 18.61 12.77
N LEU A 775 -24.30 17.85 13.84
CA LEU A 775 -24.54 18.45 15.14
C LEU A 775 -23.31 18.24 16.02
N ASN A 776 -22.36 19.16 15.89
CA ASN A 776 -21.11 19.14 16.66
C ASN A 776 -20.37 17.79 16.54
N GLY A 777 -20.32 17.26 15.33
CA GLY A 777 -19.65 15.98 15.06
C GLY A 777 -20.58 14.79 14.88
N ARG A 778 -21.88 15.00 15.06
CA ARG A 778 -22.86 13.94 14.99
C ARG A 778 -23.67 14.06 13.69
N LEU A 779 -23.60 13.01 12.87
CA LEU A 779 -24.44 12.86 11.66
C LEU A 779 -25.69 12.04 12.03
N PRO A 780 -26.73 12.70 12.53
CA PRO A 780 -27.93 11.98 12.91
C PRO A 780 -28.75 11.48 11.73
N ASP A 781 -29.24 10.25 11.76
CA ASP A 781 -30.34 9.89 10.88
C ASP A 781 -31.54 10.61 11.48
N LEU A 782 -32.09 11.59 10.78
CA LEU A 782 -33.15 12.39 11.36
C LEU A 782 -34.41 11.55 11.61
N ILE A 783 -34.68 10.61 10.72
CA ILE A 783 -35.87 9.79 10.90
C ILE A 783 -35.68 8.69 11.96
N SER A 784 -34.68 7.82 11.79
CA SER A 784 -34.50 6.68 12.67
C SER A 784 -34.04 7.06 14.06
N ASP A 785 -33.08 7.97 14.16
CA ASP A 785 -32.50 8.36 15.46
C ASP A 785 -33.40 9.25 16.26
N ALA A 786 -34.46 9.75 15.63
CA ALA A 786 -35.49 10.54 16.32
C ALA A 786 -35.95 9.93 17.64
N LEU A 787 -36.08 10.75 18.68
CA LEU A 787 -36.67 10.28 19.95
C LEU A 787 -38.20 10.29 19.87
N PHE A 788 -38.74 11.28 19.16
CA PHE A 788 -40.16 11.48 18.98
C PHE A 788 -40.36 12.00 17.55
N CYS A 789 -41.52 11.79 16.97
CA CYS A 789 -41.88 12.50 15.73
C CYS A 789 -43.28 13.15 15.87
N ASN A 790 -43.48 14.24 15.14
CA ASN A 790 -44.79 14.85 15.03
C ASN A 790 -45.02 15.20 13.57
N GLY A 791 -46.23 14.95 13.07
CA GLY A 791 -46.55 15.19 11.66
C GLY A 791 -45.83 14.16 10.84
N GLN A 792 -45.75 14.36 9.53
CA GLN A 792 -45.05 13.40 8.69
C GLN A 792 -43.71 13.91 8.13
N ILE A 793 -42.68 13.12 8.38
CA ILE A 793 -41.32 13.36 7.92
C ILE A 793 -41.00 12.19 6.97
N GLU A 794 -40.53 12.49 5.76
CA GLU A 794 -40.30 11.46 4.74
C GLU A 794 -38.92 11.62 4.07
N ARG A 795 -38.32 10.47 3.73
CA ARG A 795 -36.98 10.43 3.17
C ARG A 795 -36.90 11.06 1.77
N GLY A 796 -35.76 11.65 1.44
CA GLY A 796 -35.54 12.22 0.13
C GLY A 796 -36.12 13.63 0.02
N CYS A 797 -35.89 14.28 -1.12
CA CYS A 797 -36.53 15.56 -1.37
C CYS A 797 -37.13 15.64 -2.78
N GLU A 798 -37.82 14.57 -3.17
CA GLU A 798 -38.29 14.40 -4.54
C GLU A 798 -39.77 14.08 -4.58
N GLY A 799 -40.51 14.57 -3.58
CA GLY A 799 -41.92 14.18 -3.40
C GLY A 799 -41.96 12.77 -2.88
N PRO A 800 -43.17 12.17 -2.77
CA PRO A 800 -43.27 10.77 -2.33
C PRO A 800 -42.89 9.80 -3.44
N SER A 801 -42.52 8.59 -3.06
CA SER A 801 -42.09 7.60 -4.05
C SER A 801 -43.29 6.95 -4.75
N THR A 802 -43.09 6.58 -6.00
CA THR A 802 -44.12 5.88 -6.77
C THR A 802 -44.52 4.54 -6.15
N THR A 803 -45.82 4.26 -6.25
CA THR A 803 -46.49 3.12 -5.64
C THR A 803 -47.12 2.23 -6.73
N CYS A 804 -47.51 1.00 -6.39
CA CYS A 804 -48.04 0.07 -7.42
C CYS A 804 -49.47 0.43 -7.87
N GLN A 805 -49.67 0.40 -9.19
CA GLN A 805 -51.00 0.53 -9.81
C GLN A 805 -51.30 -0.72 -10.65
N GLU A 806 -52.53 -0.79 -11.17
CA GLU A 806 -52.94 -1.94 -12.00
C GLU A 806 -52.04 -2.13 -13.22
N ASP A 807 -51.68 -1.01 -13.86
CA ASP A 807 -50.93 -1.00 -15.11
C ASP A 807 -49.49 -0.57 -14.92
N SER A 808 -48.91 -0.82 -13.75
CA SER A 808 -47.56 -0.35 -13.46
C SER A 808 -46.56 -1.11 -14.32
N CYS A 809 -46.50 -2.42 -14.13
CA CYS A 809 -45.67 -3.28 -14.95
C CYS A 809 -46.47 -3.69 -16.17
N SER A 810 -45.80 -4.39 -17.08
CA SER A 810 -46.43 -4.84 -18.30
C SER A 810 -46.24 -6.34 -18.49
N ASN A 811 -46.87 -6.87 -19.54
CA ASN A 811 -46.84 -8.29 -19.86
C ASN A 811 -46.94 -9.17 -18.62
N GLN A 812 -47.95 -8.88 -17.80
CA GLN A 812 -48.18 -9.60 -16.54
C GLN A 812 -46.95 -9.70 -15.64
N GLY A 813 -46.07 -8.70 -15.70
CA GLY A 813 -44.99 -8.59 -14.71
C GLY A 813 -45.58 -8.25 -13.36
N VAL A 814 -44.99 -8.79 -12.29
CA VAL A 814 -45.46 -8.54 -10.90
C VAL A 814 -44.91 -7.25 -10.28
N CYS A 815 -45.77 -6.26 -10.07
CA CYS A 815 -45.36 -5.01 -9.47
C CYS A 815 -45.11 -5.18 -7.97
N LEU A 816 -43.89 -4.87 -7.55
CA LEU A 816 -43.46 -5.06 -6.18
C LEU A 816 -43.17 -3.71 -5.59
N GLN A 817 -43.46 -3.52 -4.31
CA GLN A 817 -43.15 -2.27 -3.63
C GLN A 817 -41.78 -2.36 -3.01
N GLN A 818 -40.92 -1.38 -3.30
CA GLN A 818 -39.62 -1.23 -2.62
C GLN A 818 -39.63 0.10 -1.88
N TRP A 819 -38.65 0.34 -1.02
CA TRP A 819 -38.63 1.57 -0.25
C TRP A 819 -38.56 2.78 -1.16
N ASP A 820 -37.79 2.69 -2.24
CA ASP A 820 -37.58 3.85 -3.15
C ASP A 820 -38.52 3.89 -4.38
N GLY A 821 -39.65 3.18 -4.30
CA GLY A 821 -40.58 3.05 -5.42
C GLY A 821 -40.86 1.60 -5.77
N PHE A 822 -41.72 1.40 -6.76
CA PHE A 822 -42.08 0.06 -7.21
C PHE A 822 -41.08 -0.52 -8.19
N SER A 823 -41.11 -1.83 -8.34
CA SER A 823 -40.30 -2.51 -9.35
C SER A 823 -41.18 -3.51 -10.09
N CYS A 824 -40.60 -4.16 -11.10
CA CYS A 824 -41.30 -5.19 -11.84
C CYS A 824 -40.47 -6.46 -11.94
N ASP A 825 -40.96 -7.53 -11.32
CA ASP A 825 -40.40 -8.86 -11.50
C ASP A 825 -40.82 -9.37 -12.88
N CYS A 826 -39.85 -9.51 -13.77
CA CYS A 826 -40.14 -9.98 -15.10
C CYS A 826 -39.94 -11.48 -15.31
N SER A 827 -39.45 -12.20 -14.30
CA SER A 827 -39.04 -13.61 -14.47
C SER A 827 -39.92 -14.48 -15.37
N MET A 828 -41.22 -14.51 -15.08
CA MET A 828 -42.17 -15.34 -15.78
C MET A 828 -42.78 -14.67 -17.02
N THR A 829 -42.27 -13.50 -17.40
CA THR A 829 -42.94 -12.67 -18.40
C THR A 829 -42.36 -12.66 -19.82
N SER A 830 -41.13 -13.18 -19.94
CA SER A 830 -40.38 -13.26 -21.22
C SER A 830 -39.72 -11.96 -21.67
N PHE A 831 -39.84 -10.92 -20.87
CA PHE A 831 -39.39 -9.59 -21.25
C PHE A 831 -38.36 -9.12 -20.24
N SER A 832 -37.43 -8.28 -20.69
CA SER A 832 -36.46 -7.63 -19.80
C SER A 832 -36.90 -6.19 -19.53
N GLY A 833 -36.10 -5.48 -18.73
CA GLY A 833 -36.26 -4.04 -18.57
C GLY A 833 -37.07 -3.66 -17.34
N PRO A 834 -36.92 -2.42 -16.85
CA PRO A 834 -37.60 -1.94 -15.65
C PRO A 834 -39.10 -2.18 -15.57
N LEU A 835 -39.78 -2.19 -16.71
CA LEU A 835 -41.22 -2.35 -16.72
C LEU A 835 -41.65 -3.59 -17.49
N CYS A 836 -40.72 -4.50 -17.74
CA CYS A 836 -40.96 -5.65 -18.60
C CYS A 836 -41.56 -5.25 -19.95
N ASN A 837 -41.15 -4.12 -20.50
CA ASN A 837 -41.63 -3.66 -21.81
C ASN A 837 -40.58 -3.78 -22.89
N ASP A 838 -39.31 -3.82 -22.47
CA ASP A 838 -38.16 -4.15 -23.34
C ASP A 838 -38.07 -5.68 -23.65
N PRO A 839 -37.30 -6.06 -24.69
CA PRO A 839 -37.57 -7.36 -25.35
C PRO A 839 -37.02 -8.65 -24.71
N GLY A 840 -35.82 -8.60 -24.17
CA GLY A 840 -35.24 -9.83 -23.64
C GLY A 840 -34.60 -10.66 -24.74
N THR A 841 -33.62 -11.47 -24.34
CA THR A 841 -32.66 -12.05 -25.27
C THR A 841 -33.29 -13.16 -26.08
N THR A 842 -33.18 -13.06 -27.41
CA THR A 842 -33.87 -13.94 -28.33
C THR A 842 -32.87 -14.63 -29.23
N TYR A 843 -33.12 -15.91 -29.54
CA TYR A 843 -32.28 -16.66 -30.49
C TYR A 843 -33.08 -17.14 -31.69
N ILE A 844 -32.60 -16.88 -32.90
CA ILE A 844 -33.32 -17.30 -34.11
C ILE A 844 -32.90 -18.71 -34.49
N PHE A 845 -33.88 -19.62 -34.53
CA PHE A 845 -33.64 -21.00 -34.96
C PHE A 845 -34.02 -21.25 -36.43
N SER A 846 -33.01 -21.41 -37.27
CA SER A 846 -33.17 -21.44 -38.73
C SER A 846 -33.17 -22.87 -39.29
N LYS A 847 -33.39 -22.97 -40.61
CA LYS A 847 -33.63 -24.26 -41.26
C LYS A 847 -32.43 -25.19 -41.18
N GLY A 848 -32.68 -26.46 -40.90
CA GLY A 848 -31.62 -27.44 -40.70
C GLY A 848 -31.61 -27.99 -39.29
N GLY A 849 -31.85 -27.14 -38.29
CA GLY A 849 -31.90 -27.54 -36.88
C GLY A 849 -30.67 -27.10 -36.12
N GLY A 850 -30.81 -26.90 -34.81
CA GLY A 850 -29.68 -26.50 -33.94
C GLY A 850 -30.01 -26.72 -32.46
N GLN A 851 -29.13 -26.30 -31.54
CA GLN A 851 -29.35 -26.59 -30.09
C GLN A 851 -28.35 -25.95 -29.12
N ILE A 852 -28.87 -25.24 -28.12
CA ILE A 852 -28.09 -24.72 -26.96
C ILE A 852 -28.14 -25.71 -25.80
N THR A 853 -27.03 -25.90 -25.07
CA THR A 853 -27.00 -26.85 -23.95
C THR A 853 -26.24 -26.37 -22.71
N TYR A 854 -26.96 -26.18 -21.61
CA TYR A 854 -26.36 -25.89 -20.29
C TYR A 854 -25.99 -27.19 -19.55
N LYS A 855 -24.74 -27.32 -19.10
CA LYS A 855 -24.33 -28.48 -18.32
C LYS A 855 -23.86 -28.08 -16.89
N TRP A 856 -24.73 -28.18 -15.89
CA TRP A 856 -24.36 -27.94 -14.48
C TRP A 856 -23.06 -28.66 -14.12
N PRO A 857 -22.10 -27.95 -13.48
CA PRO A 857 -20.88 -28.66 -13.10
C PRO A 857 -21.23 -29.85 -12.20
N PRO A 858 -20.56 -30.99 -12.41
CA PRO A 858 -20.88 -32.26 -11.76
C PRO A 858 -21.32 -32.19 -10.28
N ASN A 859 -20.69 -31.32 -9.48
CA ASN A 859 -21.05 -31.15 -8.06
C ASN A 859 -21.93 -29.93 -7.77
N ASP A 860 -22.78 -29.57 -8.72
CA ASP A 860 -23.70 -28.44 -8.52
C ASP A 860 -25.11 -28.82 -8.96
N ARG A 861 -25.34 -30.12 -9.16
CA ARG A 861 -26.55 -30.59 -9.83
C ARG A 861 -27.74 -30.46 -8.91
N PRO A 862 -28.65 -29.53 -9.22
CA PRO A 862 -29.69 -29.24 -8.24
C PRO A 862 -30.83 -30.27 -8.25
N SER A 863 -31.32 -30.59 -7.06
CA SER A 863 -32.49 -31.42 -6.92
C SER A 863 -33.54 -30.55 -6.24
N THR A 864 -34.57 -30.17 -6.98
CA THR A 864 -35.60 -29.31 -6.43
C THR A 864 -36.89 -30.04 -6.11
N ARG A 865 -37.67 -29.41 -5.24
CA ARG A 865 -39.00 -29.86 -4.85
C ARG A 865 -40.07 -29.12 -5.65
N ALA A 866 -39.82 -27.84 -5.93
CA ALA A 866 -40.71 -27.04 -6.76
C ALA A 866 -39.94 -26.34 -7.86
N ASP A 867 -40.40 -26.49 -9.09
CA ASP A 867 -39.77 -25.85 -10.24
C ASP A 867 -40.66 -24.77 -10.83
N ARG A 868 -40.10 -23.98 -11.73
CA ARG A 868 -40.89 -23.04 -12.54
C ARG A 868 -40.10 -22.50 -13.74
N LEU A 869 -40.79 -22.35 -14.87
CA LEU A 869 -40.15 -22.15 -16.16
C LEU A 869 -41.05 -21.34 -17.08
N ALA A 870 -40.46 -20.40 -17.81
CA ALA A 870 -41.21 -19.47 -18.66
C ALA A 870 -40.45 -19.19 -19.95
N ILE A 871 -41.12 -19.14 -21.09
CA ILE A 871 -40.43 -18.91 -22.35
C ILE A 871 -41.33 -18.21 -23.37
N GLY A 872 -40.71 -17.47 -24.28
CA GLY A 872 -41.44 -16.77 -25.34
C GLY A 872 -41.05 -17.34 -26.68
N PHE A 873 -41.99 -17.40 -27.61
CA PHE A 873 -41.73 -18.06 -28.89
C PHE A 873 -42.71 -17.68 -30.00
N SER A 874 -42.40 -18.18 -31.20
CA SER A 874 -43.19 -17.96 -32.40
C SER A 874 -42.75 -18.99 -33.44
N THR A 875 -43.69 -19.63 -34.11
CA THR A 875 -43.37 -20.69 -35.10
C THR A 875 -44.60 -21.09 -35.88
N VAL A 876 -44.40 -21.81 -36.98
CA VAL A 876 -45.53 -22.33 -37.78
C VAL A 876 -45.67 -23.84 -37.62
N GLN A 877 -44.84 -24.43 -36.77
CA GLN A 877 -44.76 -25.88 -36.61
C GLN A 877 -45.90 -26.49 -35.83
N LYS A 878 -46.28 -27.71 -36.20
CA LYS A 878 -47.23 -28.53 -35.43
C LYS A 878 -46.54 -29.50 -34.45
N GLU A 879 -45.29 -29.89 -34.73
CA GLU A 879 -44.54 -30.85 -33.91
C GLU A 879 -43.12 -30.36 -33.65
N ALA A 880 -42.78 -30.09 -32.40
CA ALA A 880 -41.45 -29.57 -32.04
C ALA A 880 -41.29 -29.62 -30.53
N VAL A 881 -40.10 -30.01 -30.07
CA VAL A 881 -39.77 -29.95 -28.63
C VAL A 881 -38.95 -28.68 -28.41
N LEU A 882 -39.24 -27.92 -27.36
CA LEU A 882 -38.64 -26.57 -27.17
C LEU A 882 -37.56 -26.56 -26.09
N VAL A 883 -37.93 -26.78 -24.84
CA VAL A 883 -36.98 -26.87 -23.73
C VAL A 883 -37.12 -28.20 -22.99
N ARG A 884 -35.99 -28.75 -22.58
CA ARG A 884 -35.95 -30.10 -22.04
C ARG A 884 -34.91 -30.18 -20.93
N VAL A 885 -35.36 -30.45 -19.69
CA VAL A 885 -34.45 -30.66 -18.57
C VAL A 885 -34.38 -32.14 -18.27
N ASP A 886 -33.19 -32.73 -18.42
CA ASP A 886 -32.96 -34.14 -18.12
C ASP A 886 -32.17 -34.27 -16.83
N SER A 887 -32.39 -35.37 -16.11
CA SER A 887 -31.57 -35.74 -14.95
C SER A 887 -30.32 -36.46 -15.45
N SER A 888 -29.48 -36.89 -14.51
CA SER A 888 -28.27 -37.66 -14.81
C SER A 888 -28.59 -38.97 -15.54
N SER A 889 -27.53 -39.64 -15.99
CA SER A 889 -27.61 -41.02 -16.48
C SER A 889 -28.26 -41.90 -15.42
N GLY A 890 -29.00 -42.91 -15.90
CA GLY A 890 -29.68 -43.90 -15.03
C GLY A 890 -30.59 -43.36 -13.95
N LEU A 891 -31.16 -42.17 -14.14
CA LEU A 891 -32.05 -41.61 -13.13
C LEU A 891 -33.51 -41.49 -13.60
N GLY A 892 -33.73 -41.09 -14.84
CA GLY A 892 -35.09 -41.11 -15.40
C GLY A 892 -35.92 -39.87 -15.20
N ASP A 893 -35.86 -39.25 -14.02
CA ASP A 893 -36.56 -37.98 -13.74
C ASP A 893 -36.32 -36.98 -14.88
N TYR A 894 -37.35 -36.29 -15.35
CA TYR A 894 -37.17 -35.24 -16.38
C TYR A 894 -38.35 -34.28 -16.46
N LEU A 895 -38.16 -33.22 -17.25
CA LEU A 895 -39.19 -32.21 -17.54
C LEU A 895 -39.07 -31.81 -19.00
N GLU A 896 -40.20 -31.65 -19.70
CA GLU A 896 -40.19 -31.33 -21.16
C GLU A 896 -41.37 -30.47 -21.63
N LEU A 897 -41.05 -29.45 -22.43
CA LEU A 897 -42.02 -28.53 -22.98
C LEU A 897 -42.07 -28.78 -24.48
N HIS A 898 -43.26 -28.93 -25.05
CA HIS A 898 -43.36 -29.33 -26.45
C HIS A 898 -44.60 -28.79 -27.14
N ILE A 899 -44.54 -28.75 -28.48
CA ILE A 899 -45.71 -28.45 -29.32
C ILE A 899 -46.14 -29.76 -29.97
N HIS A 900 -47.42 -30.11 -29.78
CA HIS A 900 -47.98 -31.34 -30.34
C HIS A 900 -49.38 -31.06 -30.94
N GLN A 901 -49.49 -31.27 -32.26
CA GLN A 901 -50.70 -30.95 -33.05
C GLN A 901 -51.07 -29.46 -32.95
N GLY A 902 -50.07 -28.61 -32.80
CA GLY A 902 -50.26 -27.16 -32.82
C GLY A 902 -50.59 -26.51 -31.49
N LYS A 903 -50.63 -27.29 -30.42
CA LYS A 903 -50.97 -26.77 -29.09
C LYS A 903 -49.82 -27.04 -28.13
N ILE A 904 -49.54 -26.04 -27.30
CA ILE A 904 -48.43 -26.10 -26.33
C ILE A 904 -48.74 -27.12 -25.23
N GLY A 905 -47.70 -27.81 -24.77
CA GLY A 905 -47.85 -28.89 -23.82
C GLY A 905 -46.61 -29.09 -22.98
N VAL A 906 -46.77 -29.72 -21.83
CA VAL A 906 -45.67 -29.91 -20.88
C VAL A 906 -45.80 -31.29 -20.24
N LYS A 907 -44.68 -32.02 -20.18
CA LYS A 907 -44.68 -33.40 -19.72
C LYS A 907 -43.55 -33.53 -18.72
N PHE A 908 -43.76 -34.23 -17.60
CA PHE A 908 -42.69 -34.38 -16.62
C PHE A 908 -42.82 -35.62 -15.76
N ASN A 909 -41.75 -35.91 -15.02
CA ASN A 909 -41.65 -37.13 -14.23
C ASN A 909 -40.58 -36.98 -13.15
N VAL A 910 -40.96 -37.27 -11.92
CA VAL A 910 -40.08 -37.12 -10.75
C VAL A 910 -39.74 -38.46 -10.06
N GLY A 911 -40.29 -39.56 -10.58
CA GLY A 911 -39.99 -40.91 -10.10
C GLY A 911 -41.15 -41.88 -9.99
N THR A 912 -42.35 -41.46 -10.37
CA THR A 912 -43.52 -42.33 -10.38
C THR A 912 -43.97 -42.53 -11.84
N ASP A 913 -45.21 -42.14 -12.18
CA ASP A 913 -45.70 -42.21 -13.56
C ASP A 913 -45.49 -40.82 -14.17
N ASP A 914 -45.65 -40.70 -15.49
CA ASP A 914 -45.51 -39.40 -16.17
C ASP A 914 -46.78 -38.56 -16.03
N ILE A 915 -46.63 -37.24 -16.15
CA ILE A 915 -47.70 -36.29 -15.88
C ILE A 915 -47.67 -35.21 -16.94
N ALA A 916 -48.81 -34.96 -17.58
CA ALA A 916 -48.92 -33.99 -18.67
C ALA A 916 -50.03 -32.96 -18.44
N ILE A 917 -49.71 -31.70 -18.72
CA ILE A 917 -50.71 -30.62 -18.83
C ILE A 917 -50.70 -30.08 -20.25
N GLU A 918 -51.85 -29.71 -20.79
CA GLU A 918 -51.91 -29.14 -22.14
C GLU A 918 -52.78 -27.87 -22.15
N GLU A 919 -52.51 -26.97 -23.10
CA GLU A 919 -53.43 -25.88 -23.42
C GLU A 919 -54.13 -26.15 -24.75
N SER A 920 -55.31 -26.75 -24.68
CA SER A 920 -56.06 -27.20 -25.87
C SER A 920 -56.66 -26.03 -26.64
N ASN A 921 -56.95 -24.94 -25.94
CA ASN A 921 -57.74 -23.86 -26.49
C ASN A 921 -56.96 -22.93 -27.39
N ALA A 922 -55.78 -22.52 -26.94
CA ALA A 922 -55.01 -21.48 -27.63
C ALA A 922 -54.23 -22.07 -28.81
N ILE A 923 -54.64 -21.72 -30.03
CA ILE A 923 -53.85 -22.10 -31.20
C ILE A 923 -52.63 -21.21 -31.20
N ILE A 924 -51.44 -21.81 -31.29
CA ILE A 924 -50.16 -21.07 -31.22
C ILE A 924 -49.12 -21.35 -32.32
N ASN A 925 -49.39 -22.33 -33.19
CA ASN A 925 -48.57 -22.50 -34.40
C ASN A 925 -48.96 -21.49 -35.46
N ASP A 926 -49.11 -20.22 -35.06
CA ASP A 926 -49.72 -19.17 -35.89
C ASP A 926 -48.75 -18.08 -36.34
N GLY A 927 -47.46 -18.22 -36.03
CA GLY A 927 -46.43 -17.31 -36.54
C GLY A 927 -46.23 -16.03 -35.75
N LYS A 928 -47.11 -15.77 -34.79
CA LYS A 928 -47.04 -14.56 -33.96
C LYS A 928 -46.45 -14.92 -32.60
N TYR A 929 -46.10 -13.89 -31.82
CA TYR A 929 -45.40 -14.08 -30.55
C TYR A 929 -46.34 -14.57 -29.45
N HIS A 930 -45.96 -15.65 -28.77
CA HIS A 930 -46.70 -16.13 -27.59
C HIS A 930 -45.74 -16.37 -26.42
N VAL A 931 -46.29 -16.53 -25.21
CA VAL A 931 -45.47 -16.76 -24.00
C VAL A 931 -46.09 -17.84 -23.15
N VAL A 932 -45.27 -18.72 -22.60
CA VAL A 932 -45.81 -19.86 -21.84
C VAL A 932 -45.20 -19.97 -20.44
N ARG A 933 -46.04 -20.30 -19.46
CA ARG A 933 -45.61 -20.36 -18.06
C ARG A 933 -46.03 -21.66 -17.35
N PHE A 934 -45.04 -22.36 -16.81
CA PHE A 934 -45.22 -23.63 -16.11
C PHE A 934 -44.67 -23.57 -14.67
N THR A 935 -45.33 -24.27 -13.76
CA THR A 935 -44.89 -24.36 -12.35
C THR A 935 -45.20 -25.73 -11.79
N ARG A 936 -44.33 -26.21 -10.91
CA ARG A 936 -44.49 -27.51 -10.31
C ARG A 936 -44.26 -27.44 -8.82
N SER A 937 -45.11 -28.14 -8.08
CA SER A 937 -44.90 -28.43 -6.67
C SER A 937 -45.27 -29.90 -6.44
N GLY A 938 -44.25 -30.74 -6.34
CA GLY A 938 -44.45 -32.19 -6.20
C GLY A 938 -45.14 -32.80 -7.40
N GLY A 939 -46.20 -33.56 -7.16
CA GLY A 939 -47.04 -34.05 -8.25
C GLY A 939 -47.73 -32.92 -9.01
N ASN A 940 -48.06 -31.84 -8.31
CA ASN A 940 -48.86 -30.77 -8.88
C ASN A 940 -48.15 -29.97 -9.92
N ALA A 941 -48.95 -29.36 -10.81
CA ALA A 941 -48.45 -28.43 -11.81
C ALA A 941 -49.50 -27.38 -12.20
N THR A 942 -49.04 -26.34 -12.89
CA THR A 942 -49.92 -25.37 -13.51
C THR A 942 -49.31 -24.94 -14.83
N LEU A 943 -50.13 -24.49 -15.76
CA LEU A 943 -49.64 -24.09 -17.08
C LEU A 943 -50.50 -22.95 -17.60
N GLN A 944 -49.87 -21.83 -17.96
CA GLN A 944 -50.59 -20.69 -18.55
C GLN A 944 -49.97 -20.22 -19.87
N VAL A 945 -50.81 -19.80 -20.80
CA VAL A 945 -50.38 -19.27 -22.09
C VAL A 945 -50.97 -17.87 -22.41
N ASP A 946 -50.13 -16.88 -22.73
CA ASP A 946 -50.56 -15.51 -22.98
C ASP A 946 -51.42 -15.10 -21.77
N SER A 947 -52.70 -14.79 -21.96
CA SER A 947 -53.55 -14.38 -20.85
C SER A 947 -54.75 -15.27 -20.65
N TRP A 948 -54.67 -16.50 -21.14
CA TRP A 948 -55.74 -17.47 -20.95
C TRP A 948 -55.76 -17.85 -19.48
N PRO A 949 -56.86 -18.48 -19.02
CA PRO A 949 -56.92 -18.82 -17.61
C PRO A 949 -55.99 -19.97 -17.29
N VAL A 950 -55.48 -20.02 -16.07
CA VAL A 950 -54.45 -20.99 -15.74
C VAL A 950 -55.04 -22.38 -15.74
N ILE A 951 -54.33 -23.33 -16.35
CA ILE A 951 -54.73 -24.73 -16.29
C ILE A 951 -53.92 -25.34 -15.16
N GLU A 952 -54.59 -26.08 -14.26
CA GLU A 952 -53.92 -26.64 -13.08
C GLU A 952 -54.30 -28.11 -12.83
N ARG A 953 -53.28 -28.96 -12.63
CA ARG A 953 -53.47 -30.41 -12.49
C ARG A 953 -53.00 -30.96 -11.13
N TYR A 954 -53.74 -31.95 -10.60
CA TYR A 954 -53.44 -32.64 -9.32
C TYR A 954 -53.60 -34.15 -9.46
N PRO A 955 -52.50 -34.91 -9.60
CA PRO A 955 -52.68 -36.36 -9.71
C PRO A 955 -53.00 -37.00 -8.35
N ALA A 956 -53.83 -38.04 -8.36
CA ALA A 956 -54.33 -38.64 -7.12
C ALA A 956 -53.37 -39.69 -6.55
N GLY A 957 -53.54 -40.03 -5.27
CA GLY A 957 -52.73 -41.04 -4.60
C GLY A 957 -51.26 -40.69 -4.40
N ARG A 958 -50.55 -41.55 -3.67
CA ARG A 958 -49.14 -41.35 -3.35
C ARG A 958 -48.32 -40.93 -4.57
N GLN A 959 -47.51 -39.89 -4.42
CA GLN A 959 -46.70 -39.34 -5.52
C GLN A 959 -45.35 -38.81 -5.02
N LEU A 960 -44.28 -39.21 -5.69
CA LEU A 960 -42.93 -38.69 -5.39
C LEU A 960 -42.85 -37.23 -5.84
N THR A 961 -41.98 -36.46 -5.19
CA THR A 961 -42.03 -35.00 -5.30
C THR A 961 -40.72 -34.30 -5.63
N ILE A 962 -39.58 -34.99 -5.58
CA ILE A 962 -38.31 -34.32 -5.92
C ILE A 962 -37.88 -34.69 -7.34
N PHE A 963 -37.41 -33.66 -8.06
CA PHE A 963 -36.85 -33.80 -9.40
C PHE A 963 -35.33 -33.94 -9.26
N ASN A 964 -34.87 -35.18 -9.10
CA ASN A 964 -33.53 -35.43 -8.56
C ASN A 964 -32.39 -35.22 -9.52
N SER A 965 -31.40 -34.44 -9.10
CA SER A 965 -30.11 -34.35 -9.80
C SER A 965 -30.25 -33.88 -11.24
N GLN A 966 -30.74 -32.65 -11.39
CA GLN A 966 -30.89 -32.02 -12.69
C GLN A 966 -29.51 -31.84 -13.30
N ALA A 967 -29.38 -32.26 -14.56
CA ALA A 967 -28.07 -32.47 -15.17
C ALA A 967 -27.79 -31.56 -16.35
N THR A 968 -28.76 -31.44 -17.25
CA THR A 968 -28.63 -30.56 -18.41
C THR A 968 -29.95 -29.89 -18.77
N ILE A 969 -29.83 -28.82 -19.56
CA ILE A 969 -30.97 -28.09 -20.11
C ILE A 969 -30.71 -27.94 -21.60
N ILE A 970 -31.65 -28.38 -22.43
CA ILE A 970 -31.44 -28.44 -23.88
C ILE A 970 -32.56 -27.70 -24.60
N ILE A 971 -32.18 -26.68 -25.38
CA ILE A 971 -33.15 -25.88 -26.13
C ILE A 971 -33.02 -26.21 -27.62
N GLY A 972 -34.15 -26.27 -28.33
CA GLY A 972 -34.13 -26.52 -29.78
C GLY A 972 -34.68 -27.88 -30.21
N GLY A 973 -34.59 -28.88 -29.33
CA GLY A 973 -35.26 -30.16 -29.56
C GLY A 973 -34.51 -31.15 -30.43
N LYS A 974 -33.50 -30.67 -31.15
CA LYS A 974 -32.81 -31.48 -32.17
C LYS A 974 -32.50 -32.88 -31.67
N GLU A 975 -31.81 -32.98 -30.52
CA GLU A 975 -31.44 -34.29 -29.95
C GLU A 975 -32.65 -35.24 -29.84
N GLN A 976 -33.74 -34.72 -29.27
CA GLN A 976 -34.96 -35.50 -29.12
C GLN A 976 -35.62 -35.86 -30.47
N GLY A 977 -34.92 -35.59 -31.57
CA GLY A 977 -35.40 -35.95 -32.92
C GLY A 977 -36.61 -35.16 -33.38
N GLN A 978 -36.84 -34.00 -32.76
CA GLN A 978 -37.97 -33.14 -33.08
C GLN A 978 -37.53 -31.68 -32.99
N PRO A 979 -36.70 -31.23 -33.92
CA PRO A 979 -36.05 -29.92 -33.82
C PRO A 979 -37.01 -28.75 -34.00
N PHE A 980 -36.70 -27.62 -33.35
CA PHE A 980 -37.53 -26.42 -33.40
C PHE A 980 -37.04 -25.44 -34.46
N GLN A 981 -37.98 -24.89 -35.23
CA GLN A 981 -37.70 -23.82 -36.19
C GLN A 981 -38.55 -22.61 -35.81
N GLY A 982 -37.89 -21.45 -35.67
CA GLY A 982 -38.57 -20.23 -35.26
C GLY A 982 -37.68 -19.36 -34.39
N GLN A 983 -38.31 -18.67 -33.43
CA GLN A 983 -37.61 -17.84 -32.45
C GLN A 983 -37.97 -18.27 -31.04
N LEU A 984 -37.02 -18.14 -30.12
CA LEU A 984 -37.30 -18.29 -28.70
C LEU A 984 -36.61 -17.15 -27.97
N SER A 985 -37.30 -16.56 -26.99
CA SER A 985 -36.66 -15.57 -26.13
C SER A 985 -37.14 -15.63 -24.67
N GLY A 986 -36.35 -15.00 -23.81
CA GLY A 986 -36.71 -14.81 -22.41
C GLY A 986 -36.88 -16.07 -21.57
N LEU A 987 -36.05 -17.09 -21.79
CA LEU A 987 -36.17 -18.33 -21.03
C LEU A 987 -35.66 -18.12 -19.61
N TYR A 988 -36.53 -18.46 -18.66
CA TYR A 988 -36.25 -18.46 -17.24
C TYR A 988 -36.59 -19.87 -16.76
N TYR A 989 -35.64 -20.53 -16.11
CA TYR A 989 -35.89 -21.76 -15.38
C TYR A 989 -35.18 -21.69 -14.05
N ASN A 990 -35.90 -21.96 -12.97
CA ASN A 990 -35.36 -21.90 -11.61
C ASN A 990 -34.29 -20.85 -11.38
N GLY A 991 -34.54 -19.64 -11.84
CA GLY A 991 -33.66 -18.51 -11.53
C GLY A 991 -32.66 -18.24 -12.63
N LEU A 992 -32.42 -19.21 -13.50
CA LEU A 992 -31.43 -19.05 -14.55
C LEU A 992 -32.06 -18.47 -15.80
N LYS A 993 -31.61 -17.29 -16.22
CA LYS A 993 -32.02 -16.71 -17.49
C LYS A 993 -31.08 -17.26 -18.54
N VAL A 994 -31.41 -18.45 -19.03
CA VAL A 994 -30.49 -19.25 -19.82
C VAL A 994 -30.06 -18.60 -21.12
N LEU A 995 -31.02 -18.06 -21.87
CA LEU A 995 -30.68 -17.49 -23.18
C LEU A 995 -29.78 -16.28 -23.01
N ASN A 996 -29.91 -15.59 -21.89
CA ASN A 996 -28.99 -14.50 -21.60
C ASN A 996 -27.60 -15.07 -21.34
N MET A 997 -27.55 -16.13 -20.55
CA MET A 997 -26.26 -16.72 -20.20
C MET A 997 -25.54 -17.26 -21.44
N ALA A 998 -26.32 -17.75 -22.40
CA ALA A 998 -25.79 -18.15 -23.68
C ALA A 998 -25.21 -16.92 -24.37
N ALA A 999 -25.98 -15.83 -24.42
CA ALA A 999 -25.56 -14.59 -25.11
C ALA A 999 -24.36 -13.89 -24.47
N GLU A 1000 -24.07 -14.23 -23.21
CA GLU A 1000 -22.88 -13.73 -22.53
C GLU A 1000 -21.72 -14.74 -22.46
N ASN A 1001 -21.74 -15.74 -23.35
CA ASN A 1001 -20.67 -16.75 -23.47
C ASN A 1001 -20.36 -17.43 -22.16
N ASP A 1002 -21.41 -17.89 -21.48
CA ASP A 1002 -21.26 -18.55 -20.20
C ASP A 1002 -20.40 -19.79 -20.36
N ALA A 1003 -19.63 -20.09 -19.33
CA ALA A 1003 -18.66 -21.18 -19.35
C ALA A 1003 -19.31 -22.55 -19.62
N ASN A 1004 -20.56 -22.71 -19.17
CA ASN A 1004 -21.21 -24.01 -19.23
C ASN A 1004 -22.27 -24.13 -20.31
N ILE A 1005 -22.22 -23.25 -21.30
CA ILE A 1005 -23.13 -23.33 -22.44
C ILE A 1005 -22.40 -23.59 -23.74
N ALA A 1006 -22.79 -24.70 -24.39
CA ALA A 1006 -22.32 -25.04 -25.73
C ALA A 1006 -23.48 -24.88 -26.73
N ILE A 1007 -23.35 -23.92 -27.67
CA ILE A 1007 -24.28 -23.75 -28.81
C ILE A 1007 -23.74 -24.51 -30.02
N VAL A 1008 -24.63 -25.16 -30.75
CA VAL A 1008 -24.23 -26.04 -31.85
C VAL A 1008 -25.37 -26.16 -32.85
N GLY A 1009 -25.06 -25.99 -34.14
CA GLY A 1009 -26.06 -26.00 -35.21
C GLY A 1009 -26.48 -24.61 -35.65
N ASN A 1010 -27.53 -24.52 -36.46
CA ASN A 1010 -27.98 -23.27 -37.08
C ASN A 1010 -28.83 -22.40 -36.15
N VAL A 1011 -28.15 -21.78 -35.19
CA VAL A 1011 -28.77 -20.90 -34.20
C VAL A 1011 -28.01 -19.57 -34.08
N ARG A 1012 -28.66 -18.45 -34.42
CA ARG A 1012 -28.02 -17.13 -34.29
C ARG A 1012 -28.77 -16.21 -33.31
N LEU A 1013 -28.00 -15.36 -32.60
CA LEU A 1013 -28.56 -14.39 -31.67
C LEU A 1013 -29.06 -13.20 -32.47
N LEU A 1014 -30.21 -12.66 -32.09
CA LEU A 1014 -30.71 -11.41 -32.65
C LEU A 1014 -30.20 -10.21 -31.84
N GLU A 1015 -29.24 -9.47 -32.40
CA GLU A 1015 -28.78 -8.23 -31.78
C GLU A 1015 -29.54 -7.08 -32.46
N VAL A 1016 -30.22 -6.25 -31.66
CA VAL A 1016 -31.12 -5.19 -32.20
C VAL A 1016 -30.43 -3.81 -32.30
C1 NAG B . -50.77 -30.59 -4.40
C2 NAG B . -49.91 -30.46 -3.12
C3 NAG B . -50.60 -31.09 -1.92
C4 NAG B . -52.06 -30.59 -1.83
C5 NAG B . -52.73 -30.91 -3.15
C6 NAG B . -54.17 -30.44 -3.21
C7 NAG B . -47.44 -30.47 -3.24
C8 NAG B . -46.22 -31.35 -3.46
N2 NAG B . -48.60 -31.13 -3.29
O3 NAG B . -49.85 -30.70 -0.77
O4 NAG B . -52.76 -31.24 -0.73
O5 NAG B . -52.10 -30.12 -4.14
O6 NAG B . -54.20 -29.07 -3.63
O7 NAG B . -47.35 -29.25 -3.06
C1 NAG B . -53.59 -30.36 0.09
C2 NAG B . -54.34 -31.24 1.12
C3 NAG B . -55.20 -30.40 2.10
C4 NAG B . -54.47 -29.16 2.67
C5 NAG B . -53.57 -28.42 1.60
C6 NAG B . -52.64 -27.31 2.20
C7 NAG B . -55.02 -33.42 0.06
C8 NAG B . -53.69 -34.02 0.57
N2 NAG B . -55.26 -32.14 0.36
O3 NAG B . -55.55 -31.26 3.20
O4 NAG B . -55.38 -28.17 3.33
O5 NAG B . -52.80 -29.34 0.76
O6 NAG B . -51.37 -27.88 2.55
O7 NAG B . -55.82 -34.10 -0.59
C1 BMA B . -55.76 -28.50 4.74
C2 BMA B . -54.61 -29.17 5.56
C3 BMA B . -54.95 -29.30 7.04
C4 BMA B . -55.38 -27.93 7.56
C5 BMA B . -56.69 -27.53 6.86
C6 BMA B . -57.41 -26.34 7.53
O2 BMA B . -53.39 -28.44 5.43
O3 BMA B . -53.81 -29.79 7.77
O4 BMA B . -55.51 -27.95 8.99
O5 BMA B . -56.41 -27.33 5.42
O6 BMA B . -56.48 -25.29 7.82
C2 BGC C . 14.31 20.07 -18.41
C3 BGC C . 14.23 18.63 -18.92
C4 BGC C . 15.39 17.66 -18.52
C5 BGC C . 16.00 17.90 -17.11
C6 BGC C . 17.41 17.14 -17.16
C1 BGC C . 14.90 20.17 -16.98
O2 BGC C . 12.95 20.49 -18.44
O3 BGC C . 14.01 18.66 -20.34
O4 BGC C . 14.96 16.27 -18.57
O5 BGC C . 16.10 19.34 -16.70
O6 BGC C . 17.57 16.16 -16.11
#